data_8SJK
#
_entry.id   8SJK
#
_cell.length_a   43.800
_cell.length_b   113.900
_cell.length_c   175.000
_cell.angle_alpha   90.00
_cell.angle_beta   90.00
_cell.angle_gamma   90.00
#
_symmetry.space_group_name_H-M   'P 2 2 21'
#
loop_
_entity.id
_entity.type
_entity.pdbx_description
1 polymer 'ANTIBODY LIGHT CHAIN'
2 polymer 'ANTIBODY HEAVY CHAIN'
3 branched 2-acetamido-2-deoxy-beta-D-glucopyranose-(1-2)-alpha-D-mannopyranose-(1-3)-[2-acetamido-2-deoxy-beta-D-glucopyranose-(1-2)-alpha-D-mannopyranose-(1-6)]beta-D-mannopyranose-(1-4)-2-acetamido-2-deoxy-beta-D-glucopyranose-(1-4)-2-acetamido-2-deoxy-beta-D-glucopyranose
4 branched beta-D-fructofuranose-(2-1)-alpha-D-glucopyranose
5 non-polymer CAFFEINE
6 water water
#
loop_
_entity_poly.entity_id
_entity_poly.type
_entity_poly.pdbx_seq_one_letter_code
_entity_poly.pdbx_strand_id
1 'polypeptide(L)'
;EIVLTQSPATLSLSPGERATLSCRASKGVSTSGYSYLHWYQQKPGQAPRLLIYLASYLESGVPARFSGSGSGTDFTLTIS
SLEPEDFAVYYCQHSRDLPLTFGGGTKVEIKRTVAAPSVFIFPPSDEQLKSGTASVVCLLNNFYPREAKVQWKVDNALQS
GNSQESVTEQDSKDSTYSLSSTLTLSKADYEKHKVYACEVTHQGLSSPVTKSFNRGEC
;
A
2 'polypeptide(L)'
;QVQLVQSGVEVKKPGASVKVSCKASGYTFTNYYMYWVRQAPGQGLEWMGGINPSNGGTNFNEKFKNRVTLTTDSSTTTAY
MELKSLQFDDTAVYYCARRDYRFDMGFDYWGQGTTVTVSSASTKGPSVFPLAPCSRSTSESTAALGCLVKDYFPEPVTVS
WNSGALTSGVHTFPAVLQSSGLYSLSSVVTVPSSSLGTKTYTCNVDHKPSNTKVDKRVESKYGPPCPPCPAPEFLGGPSV
FLFPPKPKDTLMISRTPEVTCVVVDVSQEDPEVQFNWYVDGVEVHNAKTKPREEQFNSTYRVVSVLTVLHQDWLNGKEYK
CKVSNKGLPSSIEKTISKAKGQPREPQVYTLPPSQEEMTKNQVSLTCLVKGFYPSDIAVEWESNGQPENNYKTTPPVLDS
DGSFFLYSRLTVDKSRWQQGNVFSCSVMHEALHNHYTQKSLSLS
;
B
#
loop_
_chem_comp.id
_chem_comp.type
_chem_comp.name
_chem_comp.formula
BMA D-saccharide, beta linking beta-D-mannopyranose 'C6 H12 O6'
CFF non-polymer CAFFEINE 'C8 H10 N4 O2'
FRU D-saccharide, beta linking beta-D-fructofuranose 'C6 H12 O6'
GLC D-saccharide, alpha linking alpha-D-glucopyranose 'C6 H12 O6'
MAN D-saccharide, alpha linking alpha-D-mannopyranose 'C6 H12 O6'
NAG D-saccharide, beta linking 2-acetamido-2-deoxy-beta-D-glucopyranose 'C8 H15 N O6'
#
# COMPACT_ATOMS: atom_id res chain seq x y z
N GLU A 1 -35.89 -2.46 -14.76
CA GLU A 1 -35.23 -2.43 -13.46
C GLU A 1 -34.58 -1.06 -13.16
N ILE A 2 -34.33 -0.76 -11.87
CA ILE A 2 -33.62 0.45 -11.43
C ILE A 2 -32.12 0.15 -11.55
N VAL A 3 -31.40 0.96 -12.33
CA VAL A 3 -29.96 0.80 -12.57
C VAL A 3 -29.25 1.83 -11.72
N LEU A 4 -28.20 1.43 -10.97
CA LEU A 4 -27.44 2.33 -10.11
C LEU A 4 -26.09 2.58 -10.78
N THR A 5 -25.70 3.85 -10.91
CA THR A 5 -24.43 4.24 -11.49
C THR A 5 -23.55 4.91 -10.43
N GLN A 6 -22.39 4.31 -10.17
CA GLN A 6 -21.45 4.87 -9.23
C GLN A 6 -20.37 5.67 -9.94
N SER A 7 -19.97 6.76 -9.33
CA SER A 7 -18.90 7.58 -9.86
C SER A 7 -18.03 8.14 -8.71
N PRO A 8 -16.73 8.35 -8.97
CA PRO A 8 -16.00 7.92 -10.16
C PRO A 8 -15.77 6.40 -10.03
N ALA A 9 -15.41 5.75 -11.13
CA ALA A 9 -15.05 4.33 -11.04
C ALA A 9 -13.85 4.17 -10.08
N THR A 10 -12.86 5.13 -10.10
CA THR A 10 -11.70 5.13 -9.19
C THR A 10 -11.55 6.47 -8.49
N LEU A 11 -11.37 6.48 -7.19
CA LEU A 11 -11.13 7.68 -6.42
C LEU A 11 -9.68 7.63 -5.84
N SER A 12 -8.77 8.52 -6.28
CA SER A 12 -7.37 8.51 -5.80
C SER A 12 -7.12 9.58 -4.74
N LEU A 13 -6.90 9.17 -3.50
CA LEU A 13 -6.76 10.07 -2.35
C LEU A 13 -5.67 9.59 -1.40
N SER A 14 -5.38 10.41 -0.39
CA SER A 14 -4.37 10.13 0.61
C SER A 14 -5.00 9.87 2.00
N PRO A 15 -4.33 9.07 2.89
CA PRO A 15 -4.85 8.87 4.25
C PRO A 15 -5.01 10.23 4.95
N GLY A 16 -6.17 10.48 5.54
CA GLY A 16 -6.49 11.74 6.17
C GLY A 16 -7.46 12.60 5.38
N GLU A 17 -7.58 12.36 4.04
CA GLU A 17 -8.48 13.14 3.20
C GLU A 17 -9.94 12.67 3.27
N ARG A 18 -10.84 13.62 2.97
CA ARG A 18 -12.28 13.41 2.87
C ARG A 18 -12.58 12.73 1.51
N ALA A 19 -13.25 11.58 1.55
CA ALA A 19 -13.64 10.82 0.36
C ALA A 19 -15.13 11.07 0.17
N THR A 20 -15.57 11.30 -1.06
CA THR A 20 -16.98 11.53 -1.37
C THR A 20 -17.27 10.61 -2.56
N LEU A 21 -18.23 9.67 -2.39
CA LEU A 21 -18.57 8.67 -3.39
C LEU A 21 -19.98 8.91 -3.80
N SER A 22 -20.27 8.85 -5.08
CA SER A 22 -21.57 9.19 -5.63
C SER A 22 -22.28 7.95 -6.13
N CYS A 23 -23.62 7.94 -5.99
CA CYS A 23 -24.45 6.84 -6.48
C CYS A 23 -25.71 7.47 -7.01
N ARG A 24 -26.01 7.19 -8.28
CA ARG A 24 -27.21 7.73 -8.90
C ARG A 24 -28.08 6.65 -9.50
N ALA A 25 -29.35 6.64 -9.11
CA ALA A 25 -30.36 5.69 -9.55
C ALA A 25 -31.11 6.22 -10.81
N SER A 26 -31.46 5.32 -11.75
CA SER A 26 -32.15 5.68 -12.98
C SER A 26 -33.61 6.13 -12.72
N LYS A 27 -34.17 5.66 -11.60
CA LYS A 27 -35.54 5.91 -11.15
C LYS A 27 -35.39 6.11 -9.64
N GLY A 28 -36.26 6.91 -9.04
CA GLY A 28 -36.21 7.19 -7.61
C GLY A 28 -36.35 5.96 -6.73
N VAL A 29 -35.56 5.92 -5.64
CA VAL A 29 -35.56 4.83 -4.66
C VAL A 29 -36.12 5.32 -3.31
N SER A 30 -36.78 6.50 -3.27
CA SER A 30 -37.41 7.01 -2.06
C SER A 30 -38.92 6.87 -2.12
N THR A 31 -39.54 6.45 -0.98
CA THR A 31 -40.99 6.38 -0.75
C THR A 31 -41.26 6.54 0.74
N SER A 32 -42.31 7.31 1.08
CA SER A 32 -42.81 7.41 2.44
C SER A 32 -41.75 7.71 3.50
N GLY A 33 -40.98 8.76 3.30
CA GLY A 33 -39.96 9.14 4.28
C GLY A 33 -38.62 8.42 4.23
N TYR A 34 -38.48 7.27 3.51
CA TYR A 34 -37.19 6.56 3.43
C TYR A 34 -36.71 6.33 2.03
N SER A 35 -35.36 6.31 1.85
CA SER A 35 -34.67 6.00 0.60
C SER A 35 -34.07 4.60 0.77
N TYR A 36 -34.48 3.66 -0.06
CA TYR A 36 -34.03 2.27 0.04
C TYR A 36 -32.72 2.11 -0.73
N LEU A 37 -31.65 2.68 -0.16
CA LEU A 37 -30.31 2.72 -0.74
C LEU A 37 -29.29 2.43 0.34
N HIS A 38 -28.49 1.37 0.19
CA HIS A 38 -27.51 0.93 1.21
C HIS A 38 -26.08 0.81 0.62
N TRP A 39 -25.07 1.06 1.47
CA TRP A 39 -23.65 1.03 1.08
C TRP A 39 -22.86 -0.08 1.76
N TYR A 40 -22.01 -0.74 1.00
CA TYR A 40 -21.17 -1.82 1.45
C TYR A 40 -19.71 -1.52 1.12
N GLN A 41 -18.77 -2.08 1.88
CA GLN A 41 -17.32 -2.02 1.63
C GLN A 41 -16.88 -3.46 1.33
N GLN A 42 -16.03 -3.64 0.32
CA GLN A 42 -15.47 -4.94 -0.02
C GLN A 42 -13.96 -4.80 -0.18
N LYS A 43 -13.23 -5.65 0.53
CA LYS A 43 -11.80 -5.79 0.47
C LYS A 43 -11.50 -7.06 -0.34
N PRO A 44 -10.37 -7.12 -1.09
CA PRO A 44 -10.07 -8.33 -1.90
C PRO A 44 -10.12 -9.64 -1.10
N GLY A 45 -10.83 -10.61 -1.65
CA GLY A 45 -11.02 -11.91 -1.03
C GLY A 45 -11.95 -11.94 0.16
N GLN A 46 -12.63 -10.82 0.46
CA GLN A 46 -13.53 -10.76 1.62
C GLN A 46 -14.96 -10.49 1.17
N ALA A 47 -15.91 -10.89 2.00
CA ALA A 47 -17.31 -10.65 1.67
C ALA A 47 -17.63 -9.17 1.96
N PRO A 48 -18.61 -8.57 1.23
CA PRO A 48 -18.99 -7.19 1.52
C PRO A 48 -19.40 -6.97 2.98
N ARG A 49 -19.33 -5.72 3.40
CA ARG A 49 -19.66 -5.35 4.78
C ARG A 49 -20.61 -4.18 4.71
N LEU A 50 -21.80 -4.27 5.36
CA LEU A 50 -22.76 -3.16 5.37
C LEU A 50 -22.21 -1.97 6.15
N LEU A 51 -22.22 -0.78 5.51
CA LEU A 51 -21.74 0.46 6.12
C LEU A 51 -22.89 1.37 6.52
N ILE A 52 -23.75 1.67 5.53
CA ILE A 52 -24.86 2.59 5.66
C ILE A 52 -26.13 1.92 5.12
N TYR A 53 -27.26 2.01 5.85
CA TYR A 53 -28.53 1.48 5.38
C TYR A 53 -29.51 2.64 5.32
N LEU A 54 -30.48 2.52 4.44
CA LEU A 54 -31.56 3.49 4.25
C LEU A 54 -31.00 4.91 4.06
N ALA A 55 -30.02 5.02 3.10
CA ALA A 55 -29.33 6.24 2.67
C ALA A 55 -28.45 6.94 3.70
N SER A 56 -28.87 7.07 4.97
CA SER A 56 -28.10 7.83 5.94
C SER A 56 -27.94 7.18 7.32
N TYR A 57 -28.26 5.90 7.53
CA TYR A 57 -28.13 5.33 8.89
C TYR A 57 -26.88 4.48 9.03
N LEU A 58 -26.07 4.78 10.06
CA LEU A 58 -24.83 4.05 10.30
C LEU A 58 -25.10 2.65 10.86
N GLU A 59 -24.62 1.61 10.16
CA GLU A 59 -24.79 0.24 10.63
C GLU A 59 -24.02 0.08 11.96
N SER A 60 -24.59 -0.64 12.93
CA SER A 60 -24.01 -0.84 14.26
C SER A 60 -22.62 -1.46 14.10
N GLY A 61 -21.65 -0.85 14.81
CA GLY A 61 -20.25 -1.27 14.78
C GLY A 61 -19.39 -0.58 13.73
N VAL A 62 -19.99 0.14 12.76
CA VAL A 62 -19.23 0.82 11.71
C VAL A 62 -18.66 2.14 12.28
N PRO A 63 -17.43 2.52 11.94
CA PRO A 63 -16.86 3.76 12.50
C PRO A 63 -17.61 5.06 12.13
N ALA A 64 -17.64 6.02 13.06
CA ALA A 64 -18.31 7.32 12.91
C ALA A 64 -17.91 8.10 11.66
N ARG A 65 -16.69 7.95 11.17
CA ARG A 65 -16.25 8.64 9.97
C ARG A 65 -17.07 8.30 8.68
N PHE A 66 -17.88 7.23 8.71
CA PHE A 66 -18.76 6.84 7.60
C PHE A 66 -20.15 7.50 7.76
N SER A 67 -20.60 8.23 6.73
CA SER A 67 -21.88 8.87 6.74
C SER A 67 -22.46 8.83 5.31
N GLY A 68 -23.79 8.69 5.21
CA GLY A 68 -24.51 8.70 3.95
C GLY A 68 -25.49 9.85 3.89
N SER A 69 -25.91 10.23 2.70
CA SER A 69 -26.92 11.27 2.51
C SER A 69 -27.54 11.18 1.11
N GLY A 70 -28.52 12.04 0.82
CA GLY A 70 -29.22 12.11 -0.46
C GLY A 70 -30.62 11.55 -0.36
N SER A 71 -31.36 11.68 -1.46
CA SER A 71 -32.71 11.16 -1.57
C SER A 71 -33.04 11.01 -3.07
N GLY A 72 -34.22 10.46 -3.38
CA GLY A 72 -34.71 10.27 -4.75
C GLY A 72 -33.80 9.41 -5.59
N THR A 73 -33.02 10.07 -6.46
CA THR A 73 -32.09 9.43 -7.38
C THR A 73 -30.58 9.71 -7.12
N ASP A 74 -30.20 10.63 -6.22
CA ASP A 74 -28.78 11.02 -6.03
C ASP A 74 -28.35 10.78 -4.60
N PHE A 75 -27.26 10.00 -4.41
CA PHE A 75 -26.82 9.59 -3.09
C PHE A 75 -25.37 9.73 -2.96
N THR A 76 -24.91 10.00 -1.73
CA THR A 76 -23.49 10.17 -1.46
C THR A 76 -23.09 9.41 -0.23
N LEU A 77 -21.90 8.83 -0.26
CA LEU A 77 -21.26 8.19 0.89
C LEU A 77 -20.06 9.09 1.15
N THR A 78 -19.81 9.50 2.41
CA THR A 78 -18.64 10.32 2.75
C THR A 78 -17.83 9.60 3.80
N ILE A 79 -16.50 9.65 3.66
CA ILE A 79 -15.55 9.15 4.66
C ILE A 79 -14.89 10.45 5.10
N SER A 80 -15.20 10.96 6.30
CA SER A 80 -14.68 12.28 6.73
C SER A 80 -13.15 12.43 6.74
N SER A 81 -12.43 11.33 6.99
CA SER A 81 -10.96 11.32 7.05
C SER A 81 -10.54 9.88 6.79
N LEU A 82 -9.93 9.61 5.63
CA LEU A 82 -9.57 8.23 5.26
C LEU A 82 -8.54 7.62 6.22
N GLU A 83 -8.75 6.36 6.62
CA GLU A 83 -7.80 5.59 7.42
C GLU A 83 -7.17 4.59 6.46
N PRO A 84 -5.94 4.12 6.69
CA PRO A 84 -5.36 3.10 5.79
C PRO A 84 -6.28 1.89 5.47
N GLU A 85 -7.08 1.47 6.43
CA GLU A 85 -8.04 0.39 6.27
C GLU A 85 -9.22 0.69 5.32
N ASP A 86 -9.45 1.97 4.91
CA ASP A 86 -10.58 2.33 4.04
C ASP A 86 -10.30 2.25 2.54
N PHE A 87 -9.07 1.95 2.13
CA PHE A 87 -8.76 1.86 0.72
C PHE A 87 -9.30 0.49 0.29
N ALA A 88 -10.47 0.50 -0.34
CA ALA A 88 -11.22 -0.71 -0.68
C ALA A 88 -12.21 -0.39 -1.79
N VAL A 89 -13.09 -1.34 -2.15
CA VAL A 89 -14.15 -1.09 -3.12
C VAL A 89 -15.48 -0.87 -2.35
N TYR A 90 -16.32 0.10 -2.84
CA TYR A 90 -17.61 0.47 -2.25
C TYR A 90 -18.72 0.30 -3.28
N TYR A 91 -19.80 -0.39 -2.88
CA TYR A 91 -20.97 -0.65 -3.71
C TYR A 91 -22.20 -0.02 -3.10
N CYS A 92 -23.10 0.47 -3.93
CA CYS A 92 -24.40 0.91 -3.46
C CYS A 92 -25.38 -0.18 -3.90
N GLN A 93 -26.49 -0.28 -3.22
CA GLN A 93 -27.52 -1.24 -3.55
C GLN A 93 -28.87 -0.66 -3.17
N HIS A 94 -29.90 -0.87 -4.00
CA HIS A 94 -31.24 -0.43 -3.70
C HIS A 94 -32.11 -1.62 -3.40
N SER A 95 -33.24 -1.32 -2.77
CA SER A 95 -34.30 -2.27 -2.47
C SER A 95 -35.67 -1.56 -2.56
N ARG A 96 -35.83 -0.60 -3.49
CA ARG A 96 -37.11 0.10 -3.73
C ARG A 96 -38.11 -0.88 -4.33
N ASP A 97 -37.63 -1.75 -5.24
CA ASP A 97 -38.48 -2.78 -5.84
C ASP A 97 -37.57 -3.96 -6.24
N LEU A 98 -38.14 -4.94 -6.94
CA LEU A 98 -37.39 -6.05 -7.50
C LEU A 98 -37.26 -5.82 -9.02
N PRO A 99 -36.16 -6.22 -9.64
CA PRO A 99 -34.96 -6.84 -9.05
C PRO A 99 -34.09 -5.89 -8.23
N LEU A 100 -33.45 -6.43 -7.19
CA LEU A 100 -32.50 -5.69 -6.37
C LEU A 100 -31.25 -5.56 -7.24
N THR A 101 -30.61 -4.38 -7.21
CA THR A 101 -29.47 -4.03 -8.06
C THR A 101 -28.39 -3.36 -7.25
N PHE A 102 -27.13 -3.55 -7.69
CA PHE A 102 -25.97 -2.92 -7.10
C PHE A 102 -25.37 -2.03 -8.15
N GLY A 103 -24.60 -1.06 -7.71
CA GLY A 103 -23.84 -0.22 -8.62
C GLY A 103 -22.59 -0.98 -9.03
N GLY A 104 -21.85 -0.46 -10.00
CA GLY A 104 -20.65 -1.10 -10.48
C GLY A 104 -19.43 -1.02 -9.59
N GLY A 105 -19.54 -0.34 -8.45
CA GLY A 105 -18.47 -0.18 -7.48
C GLY A 105 -17.60 1.03 -7.77
N THR A 106 -16.98 1.56 -6.72
CA THR A 106 -16.02 2.64 -6.78
C THR A 106 -14.82 2.21 -6.00
N LYS A 107 -13.62 2.17 -6.64
CA LYS A 107 -12.38 1.82 -5.94
C LYS A 107 -11.77 3.04 -5.30
N VAL A 108 -11.59 3.03 -3.97
CA VAL A 108 -10.90 4.10 -3.28
C VAL A 108 -9.42 3.58 -3.23
N GLU A 109 -8.53 4.32 -3.89
CA GLU A 109 -7.14 3.94 -4.12
C GLU A 109 -6.16 4.95 -3.51
N ILE A 110 -4.97 4.49 -3.13
CA ILE A 110 -3.94 5.38 -2.59
C ILE A 110 -3.30 6.23 -3.71
N LYS A 111 -3.35 7.57 -3.61
CA LYS A 111 -2.74 8.46 -4.59
C LYS A 111 -1.24 8.57 -4.34
N ARG A 112 -0.46 8.73 -5.40
CA ARG A 112 0.98 8.95 -5.30
C ARG A 112 1.48 9.63 -6.55
N THR A 113 2.76 10.02 -6.55
CA THR A 113 3.42 10.67 -7.68
C THR A 113 3.46 9.73 -8.85
N VAL A 114 3.39 10.30 -10.07
CA VAL A 114 3.39 9.53 -11.32
C VAL A 114 4.73 8.80 -11.37
N ALA A 115 4.68 7.55 -11.75
CA ALA A 115 5.85 6.71 -11.88
C ALA A 115 5.70 5.95 -13.20
N ALA A 116 6.63 6.18 -14.14
CA ALA A 116 6.64 5.51 -15.43
C ALA A 116 7.00 4.03 -15.25
N PRO A 117 6.45 3.12 -16.06
CA PRO A 117 6.86 1.71 -15.94
C PRO A 117 8.27 1.44 -16.48
N SER A 118 8.93 0.45 -15.88
CA SER A 118 10.17 -0.12 -16.38
C SER A 118 9.61 -1.22 -17.25
N VAL A 119 9.92 -1.21 -18.55
CA VAL A 119 9.40 -2.19 -19.49
C VAL A 119 10.50 -3.23 -19.82
N PHE A 120 10.12 -4.50 -19.78
CA PHE A 120 10.99 -5.61 -20.11
C PHE A 120 10.27 -6.57 -21.06
N ILE A 121 11.00 -7.16 -21.99
CA ILE A 121 10.42 -8.15 -22.91
C ILE A 121 11.21 -9.45 -22.65
N PHE A 122 10.53 -10.60 -22.66
CA PHE A 122 11.17 -11.91 -22.40
C PHE A 122 10.87 -12.84 -23.52
N PRO A 123 11.86 -13.29 -24.30
CA PRO A 123 11.53 -14.24 -25.36
C PRO A 123 11.18 -15.63 -24.76
N PRO A 124 10.53 -16.51 -25.55
CA PRO A 124 10.22 -17.86 -25.03
C PRO A 124 11.49 -18.64 -24.77
N SER A 125 11.43 -19.60 -23.85
CA SER A 125 12.56 -20.47 -23.46
C SER A 125 12.78 -21.60 -24.49
N ASP A 126 14.00 -22.18 -24.55
CA ASP A 126 14.26 -23.34 -25.41
C ASP A 126 13.47 -24.53 -24.91
N GLU A 127 13.19 -24.59 -23.59
CA GLU A 127 12.34 -25.65 -23.02
C GLU A 127 10.93 -25.56 -23.62
N GLN A 128 10.23 -24.38 -23.52
CA GLN A 128 8.87 -24.25 -24.05
C GLN A 128 8.79 -24.54 -25.56
N LEU A 129 9.82 -24.14 -26.32
CA LEU A 129 9.86 -24.34 -27.77
C LEU A 129 9.96 -25.80 -28.21
N LYS A 130 10.40 -26.75 -27.34
CA LYS A 130 10.41 -28.19 -27.68
C LYS A 130 8.95 -28.67 -27.88
N SER A 131 8.01 -28.15 -27.05
CA SER A 131 6.57 -28.38 -27.20
C SER A 131 6.14 -27.34 -28.25
N GLY A 132 5.01 -27.53 -28.91
CA GLY A 132 4.61 -26.65 -30.00
C GLY A 132 4.07 -25.29 -29.65
N THR A 133 4.71 -24.55 -28.71
CA THR A 133 4.21 -23.25 -28.24
C THR A 133 5.32 -22.27 -27.97
N ALA A 134 4.98 -20.98 -28.03
CA ALA A 134 5.88 -19.89 -27.75
C ALA A 134 5.10 -18.80 -26.97
N SER A 135 5.54 -18.47 -25.75
CA SER A 135 4.92 -17.41 -24.97
C SER A 135 5.94 -16.30 -24.87
N VAL A 136 5.57 -15.10 -25.32
CA VAL A 136 6.44 -13.92 -25.23
C VAL A 136 5.82 -13.08 -24.11
N VAL A 137 6.59 -12.77 -23.06
CA VAL A 137 6.09 -12.04 -21.89
C VAL A 137 6.60 -10.63 -21.91
N CYS A 138 5.72 -9.66 -21.67
CA CYS A 138 6.10 -8.27 -21.52
C CYS A 138 5.72 -7.86 -20.13
N LEU A 139 6.66 -7.28 -19.38
CA LEU A 139 6.43 -6.80 -18.02
C LEU A 139 6.52 -5.27 -18.01
N LEU A 140 5.52 -4.58 -17.41
CA LEU A 140 5.49 -3.15 -17.10
C LEU A 140 5.59 -3.17 -15.58
N ASN A 141 6.70 -2.67 -14.99
CA ASN A 141 6.95 -2.79 -13.56
C ASN A 141 6.90 -1.50 -12.76
N ASN A 142 6.21 -1.54 -11.61
CA ASN A 142 6.15 -0.46 -10.62
C ASN A 142 5.79 0.91 -11.18
N PHE A 143 4.64 1.01 -11.83
CA PHE A 143 4.11 2.25 -12.37
C PHE A 143 2.84 2.72 -11.63
N TYR A 144 2.57 3.99 -11.76
CA TYR A 144 1.40 4.66 -11.21
C TYR A 144 1.10 5.86 -12.12
N PRO A 145 -0.18 6.17 -12.44
CA PRO A 145 -1.41 5.41 -12.13
C PRO A 145 -1.57 4.08 -12.86
N ARG A 146 -2.63 3.32 -12.50
CA ARG A 146 -3.01 2.00 -13.04
C ARG A 146 -3.16 1.95 -14.58
N GLU A 147 -3.57 3.06 -15.20
CA GLU A 147 -3.88 3.09 -16.63
C GLU A 147 -2.65 2.89 -17.46
N ALA A 148 -2.73 2.00 -18.45
CA ALA A 148 -1.63 1.69 -19.32
C ALA A 148 -2.16 0.95 -20.53
N LYS A 149 -1.52 1.13 -21.70
CA LYS A 149 -1.85 0.37 -22.90
C LYS A 149 -0.57 -0.38 -23.31
N VAL A 150 -0.72 -1.63 -23.74
CA VAL A 150 0.39 -2.47 -24.21
C VAL A 150 -0.02 -3.02 -25.56
N GLN A 151 0.82 -2.88 -26.58
CA GLN A 151 0.52 -3.42 -27.90
C GLN A 151 1.67 -4.29 -28.33
N TRP A 152 1.36 -5.37 -29.07
CA TRP A 152 2.36 -6.27 -29.62
C TRP A 152 2.47 -6.05 -31.12
N LYS A 153 3.72 -6.00 -31.63
CA LYS A 153 4.02 -5.84 -33.04
C LYS A 153 4.90 -6.99 -33.41
N VAL A 154 4.51 -7.80 -34.41
CA VAL A 154 5.35 -8.90 -34.90
C VAL A 154 5.70 -8.51 -36.36
N ASP A 155 6.94 -8.02 -36.57
CA ASP A 155 7.43 -7.47 -37.83
C ASP A 155 6.59 -6.22 -38.21
N ASN A 156 6.39 -5.31 -37.21
CA ASN A 156 5.60 -4.07 -37.32
C ASN A 156 4.11 -4.30 -37.57
N ALA A 157 3.60 -5.56 -37.50
CA ALA A 157 2.17 -5.85 -37.66
C ALA A 157 1.49 -5.87 -36.29
N LEU A 158 0.49 -5.01 -36.09
CA LEU A 158 -0.24 -4.95 -34.83
C LEU A 158 -1.01 -6.26 -34.59
N GLN A 159 -0.92 -6.85 -33.38
CA GLN A 159 -1.62 -8.10 -33.03
C GLN A 159 -2.90 -7.83 -32.28
N SER A 160 -3.79 -8.83 -32.26
CA SER A 160 -5.04 -8.79 -31.49
C SER A 160 -5.60 -10.19 -31.31
N GLY A 161 -6.21 -10.45 -30.15
CA GLY A 161 -6.80 -11.73 -29.82
C GLY A 161 -5.86 -12.79 -29.28
N ASN A 162 -4.53 -12.69 -29.52
CA ASN A 162 -3.54 -13.70 -29.09
C ASN A 162 -2.72 -13.27 -27.84
N SER A 163 -3.20 -12.28 -27.06
CA SER A 163 -2.50 -11.83 -25.85
C SER A 163 -3.45 -11.69 -24.68
N GLN A 164 -2.93 -11.84 -23.45
CA GLN A 164 -3.71 -11.70 -22.22
C GLN A 164 -2.93 -10.85 -21.23
N GLU A 165 -3.60 -9.97 -20.51
CA GLU A 165 -2.98 -9.12 -19.49
C GLU A 165 -3.33 -9.63 -18.09
N SER A 166 -2.51 -9.24 -17.12
CA SER A 166 -2.72 -9.53 -15.71
C SER A 166 -2.09 -8.40 -14.95
N VAL A 167 -2.83 -7.82 -13.99
CA VAL A 167 -2.35 -6.69 -13.21
C VAL A 167 -2.33 -7.05 -11.75
N THR A 168 -1.33 -6.55 -10.99
CA THR A 168 -1.26 -6.82 -9.55
C THR A 168 -2.15 -5.84 -8.81
N GLU A 169 -2.39 -6.10 -7.51
CA GLU A 169 -3.08 -5.16 -6.62
C GLU A 169 -2.10 -4.05 -6.26
N GLN A 170 -2.62 -2.87 -5.92
CA GLN A 170 -1.75 -1.76 -5.54
C GLN A 170 -0.79 -2.25 -4.45
N ASP A 171 0.50 -1.95 -4.59
CA ASP A 171 1.52 -2.43 -3.68
C ASP A 171 1.40 -1.78 -2.31
N SER A 172 1.39 -2.62 -1.26
CA SER A 172 1.28 -2.18 0.14
C SER A 172 2.43 -1.25 0.59
N LYS A 173 3.65 -1.40 0.01
CA LYS A 173 4.79 -0.55 0.39
C LYS A 173 4.92 0.72 -0.47
N ASP A 174 4.83 0.63 -1.82
CA ASP A 174 5.05 1.79 -2.68
C ASP A 174 3.85 2.27 -3.48
N SER A 175 2.67 1.68 -3.27
CA SER A 175 1.43 2.10 -3.92
C SER A 175 1.46 2.05 -5.47
N THR A 176 2.32 1.20 -6.07
CA THR A 176 2.40 1.09 -7.53
C THR A 176 1.69 -0.15 -8.05
N TYR A 177 1.59 -0.23 -9.38
CA TYR A 177 1.05 -1.36 -10.11
C TYR A 177 2.13 -1.93 -10.96
N SER A 178 1.98 -3.21 -11.24
CA SER A 178 2.79 -3.96 -12.17
C SER A 178 1.82 -4.70 -13.08
N LEU A 179 2.21 -4.93 -14.31
CA LEU A 179 1.35 -5.57 -15.31
C LEU A 179 2.16 -6.54 -16.17
N SER A 180 1.56 -7.61 -16.62
CA SER A 180 2.23 -8.53 -17.52
C SER A 180 1.32 -8.73 -18.73
N SER A 181 1.88 -8.80 -19.95
CA SER A 181 1.10 -9.13 -21.16
C SER A 181 1.81 -10.30 -21.76
N THR A 182 1.09 -11.33 -22.15
CA THR A 182 1.67 -12.55 -22.69
C THR A 182 1.08 -12.84 -24.07
N LEU A 183 1.92 -12.74 -25.14
CA LEU A 183 1.53 -13.06 -26.51
C LEU A 183 1.77 -14.56 -26.71
N THR A 184 0.75 -15.33 -27.12
CA THR A 184 0.89 -16.79 -27.30
C THR A 184 0.81 -17.14 -28.79
N LEU A 185 1.72 -18.01 -29.24
CA LEU A 185 1.79 -18.46 -30.62
C LEU A 185 2.15 -19.89 -30.65
N SER A 186 1.93 -20.52 -31.80
CA SER A 186 2.37 -21.88 -32.03
C SER A 186 3.86 -21.77 -32.44
N LYS A 187 4.63 -22.86 -32.32
CA LYS A 187 6.06 -22.84 -32.73
C LYS A 187 6.15 -22.51 -34.23
N ALA A 188 5.24 -23.09 -35.05
CA ALA A 188 5.18 -22.87 -36.50
C ALA A 188 4.99 -21.39 -36.82
N ASP A 189 3.98 -20.75 -36.18
CA ASP A 189 3.71 -19.31 -36.33
C ASP A 189 4.82 -18.45 -35.71
N TYR A 190 5.44 -18.90 -34.60
CA TYR A 190 6.55 -18.16 -33.98
C TYR A 190 7.77 -18.12 -34.92
N GLU A 191 8.02 -19.21 -35.67
CA GLU A 191 9.15 -19.31 -36.61
C GLU A 191 8.94 -18.54 -37.94
N LYS A 192 7.69 -18.13 -38.26
CA LYS A 192 7.40 -17.36 -39.48
C LYS A 192 7.92 -15.90 -39.46
N HIS A 193 8.10 -15.27 -38.26
CA HIS A 193 8.52 -13.87 -38.09
C HIS A 193 9.80 -13.73 -37.27
N LYS A 194 10.50 -12.55 -37.30
CA LYS A 194 11.74 -12.42 -36.53
C LYS A 194 11.74 -11.28 -35.48
N VAL A 195 11.10 -10.14 -35.74
CA VAL A 195 11.08 -9.03 -34.75
C VAL A 195 9.80 -9.15 -33.86
N TYR A 196 9.98 -9.29 -32.53
CA TYR A 196 8.89 -9.38 -31.56
C TYR A 196 8.97 -8.13 -30.69
N ALA A 197 7.97 -7.26 -30.79
CA ALA A 197 8.02 -5.98 -30.10
C ALA A 197 6.85 -5.73 -29.17
N CYS A 198 7.16 -5.10 -28.05
CA CYS A 198 6.21 -4.73 -27.03
C CYS A 198 6.19 -3.19 -26.99
N GLU A 199 5.08 -2.54 -27.36
CA GLU A 199 4.95 -1.06 -27.35
C GLU A 199 4.04 -0.66 -26.16
N VAL A 200 4.56 0.17 -25.23
CA VAL A 200 3.86 0.58 -24.01
C VAL A 200 3.57 2.06 -24.01
N THR A 201 2.36 2.46 -23.52
CA THR A 201 1.98 3.86 -23.36
C THR A 201 1.44 4.07 -21.95
N HIS A 202 1.87 5.14 -21.33
CA HIS A 202 1.52 5.46 -19.96
C HIS A 202 1.67 6.99 -19.80
N GLN A 203 0.95 7.56 -18.84
CA GLN A 203 1.05 9.00 -18.55
C GLN A 203 2.52 9.44 -18.25
N GLY A 204 3.27 8.58 -17.57
CA GLY A 204 4.65 8.86 -17.21
C GLY A 204 5.65 8.82 -18.35
N LEU A 205 5.22 8.41 -19.59
CA LEU A 205 6.10 8.32 -20.75
C LEU A 205 5.68 9.41 -21.76
N SER A 206 6.61 10.30 -22.15
CA SER A 206 6.33 11.39 -23.12
C SER A 206 6.05 10.87 -24.54
N SER A 207 6.54 9.67 -24.85
CA SER A 207 6.35 8.98 -26.12
C SER A 207 6.27 7.50 -25.78
N PRO A 208 5.65 6.64 -26.62
CA PRO A 208 5.59 5.20 -26.29
C PRO A 208 6.98 4.56 -26.15
N VAL A 209 7.10 3.53 -25.29
CA VAL A 209 8.35 2.80 -25.08
C VAL A 209 8.20 1.46 -25.76
N THR A 210 9.08 1.13 -26.70
CA THR A 210 9.05 -0.16 -27.41
C THR A 210 10.24 -1.04 -27.04
N LYS A 211 10.01 -2.24 -26.53
CA LYS A 211 11.08 -3.21 -26.23
C LYS A 211 10.93 -4.32 -27.25
N SER A 212 12.02 -4.76 -27.85
CA SER A 212 11.97 -5.84 -28.83
C SER A 212 13.21 -6.74 -28.78
N PHE A 213 13.15 -7.82 -29.55
CA PHE A 213 14.25 -8.75 -29.72
C PHE A 213 14.08 -9.42 -31.08
N ASN A 214 15.16 -10.02 -31.60
CA ASN A 214 15.17 -10.70 -32.88
C ASN A 214 15.22 -12.19 -32.63
N ARG A 215 14.16 -12.94 -33.03
CA ARG A 215 14.11 -14.40 -32.83
C ARG A 215 15.33 -15.03 -33.49
N GLY A 216 16.07 -15.83 -32.71
CA GLY A 216 17.27 -16.51 -33.19
C GLY A 216 18.55 -15.81 -32.76
N GLU A 217 18.49 -14.46 -32.57
CA GLU A 217 19.65 -13.65 -32.15
C GLU A 217 19.64 -13.44 -30.62
N CYS A 218 19.33 -14.50 -29.86
CA CYS A 218 19.28 -14.48 -28.39
C CYS A 218 20.15 -15.61 -27.82
N GLN B 1 -22.91 -12.80 18.29
CA GLN B 1 -22.22 -13.95 17.69
C GLN B 1 -22.97 -14.47 16.43
N VAL B 2 -23.41 -13.54 15.54
CA VAL B 2 -24.10 -13.90 14.30
C VAL B 2 -23.04 -14.47 13.31
N GLN B 3 -23.31 -15.65 12.74
CA GLN B 3 -22.41 -16.28 11.80
C GLN B 3 -23.19 -16.85 10.62
N LEU B 4 -22.59 -16.80 9.40
CA LEU B 4 -23.14 -17.37 8.16
C LEU B 4 -21.95 -18.10 7.58
N VAL B 5 -21.92 -19.44 7.70
CA VAL B 5 -20.79 -20.22 7.23
C VAL B 5 -21.17 -21.01 6.02
N GLN B 6 -20.57 -20.68 4.89
CA GLN B 6 -20.80 -21.31 3.60
C GLN B 6 -19.95 -22.56 3.40
N SER B 7 -20.32 -23.43 2.43
CA SER B 7 -19.56 -24.63 2.07
C SER B 7 -18.34 -24.20 1.18
N GLY B 8 -17.34 -25.09 1.05
CA GLY B 8 -16.04 -24.86 0.40
C GLY B 8 -16.00 -24.88 -1.12
N VAL B 9 -14.80 -24.60 -1.73
CA VAL B 9 -14.60 -24.55 -3.20
C VAL B 9 -15.33 -25.61 -3.97
N GLU B 10 -15.89 -25.25 -5.15
CA GLU B 10 -16.56 -26.22 -6.01
C GLU B 10 -15.99 -26.12 -7.41
N VAL B 11 -15.56 -27.26 -7.94
CA VAL B 11 -15.00 -27.34 -9.29
C VAL B 11 -15.94 -28.28 -9.98
N LYS B 12 -16.64 -27.79 -11.00
CA LYS B 12 -17.68 -28.55 -11.66
C LYS B 12 -17.51 -28.52 -13.13
N LYS B 13 -18.19 -29.42 -13.82
CA LYS B 13 -18.12 -29.55 -15.27
C LYS B 13 -19.31 -28.81 -15.89
N PRO B 14 -19.17 -28.24 -17.11
CA PRO B 14 -20.34 -27.61 -17.76
C PRO B 14 -21.51 -28.61 -17.88
N GLY B 15 -22.73 -28.14 -17.62
CA GLY B 15 -23.92 -28.98 -17.64
C GLY B 15 -24.29 -29.58 -16.29
N ALA B 16 -23.31 -29.71 -15.39
CA ALA B 16 -23.53 -30.26 -14.04
C ALA B 16 -24.26 -29.21 -13.19
N SER B 17 -24.62 -29.62 -11.96
CA SER B 17 -25.23 -28.74 -10.99
C SER B 17 -24.32 -28.60 -9.75
N VAL B 18 -24.48 -27.49 -9.02
CA VAL B 18 -23.77 -27.23 -7.75
C VAL B 18 -24.83 -26.90 -6.74
N LYS B 19 -24.56 -27.16 -5.47
CA LYS B 19 -25.44 -26.85 -4.36
C LYS B 19 -24.55 -26.30 -3.25
N VAL B 20 -24.74 -25.03 -2.95
CA VAL B 20 -23.97 -24.32 -1.96
C VAL B 20 -24.84 -24.27 -0.75
N SER B 21 -24.28 -24.36 0.42
CA SER B 21 -25.06 -24.28 1.65
C SER B 21 -24.55 -23.12 2.44
N CYS B 22 -25.39 -22.64 3.33
CA CYS B 22 -25.09 -21.51 4.17
C CYS B 22 -25.62 -21.84 5.59
N LYS B 23 -24.69 -22.23 6.47
CA LYS B 23 -25.01 -22.61 7.84
C LYS B 23 -25.19 -21.38 8.65
N ALA B 24 -26.35 -21.17 9.22
CA ALA B 24 -26.63 -19.99 10.04
C ALA B 24 -26.57 -20.33 11.56
N SER B 25 -26.08 -19.37 12.38
CA SER B 25 -26.06 -19.52 13.84
C SER B 25 -26.01 -18.16 14.57
N GLY B 26 -26.42 -18.15 15.84
CA GLY B 26 -26.39 -16.97 16.69
C GLY B 26 -27.55 -16.01 16.56
N TYR B 27 -28.64 -16.44 15.92
CA TYR B 27 -29.83 -15.59 15.76
C TYR B 27 -31.05 -16.46 15.45
N THR B 28 -32.23 -15.82 15.51
CA THR B 28 -33.48 -16.50 15.19
C THR B 28 -33.64 -16.52 13.65
N PHE B 29 -33.33 -17.68 13.04
CA PHE B 29 -33.40 -17.93 11.60
C PHE B 29 -34.67 -17.36 10.95
N THR B 30 -35.82 -17.61 11.61
CA THR B 30 -37.18 -17.19 11.23
C THR B 30 -37.34 -15.67 11.00
N ASN B 31 -36.66 -14.84 11.78
CA ASN B 31 -36.74 -13.37 11.68
C ASN B 31 -36.07 -12.72 10.45
N TYR B 32 -35.38 -13.51 9.58
CA TYR B 32 -34.65 -12.92 8.46
C TYR B 32 -34.78 -13.70 7.15
N TYR B 33 -34.81 -12.96 6.03
CA TYR B 33 -34.75 -13.57 4.69
C TYR B 33 -33.30 -14.01 4.50
N MET B 34 -33.07 -14.99 3.62
CA MET B 34 -31.71 -15.37 3.26
C MET B 34 -31.61 -15.13 1.77
N TYR B 35 -30.68 -14.25 1.41
CA TYR B 35 -30.45 -13.82 0.03
C TYR B 35 -29.22 -14.43 -0.55
N TRP B 36 -29.16 -14.54 -1.90
CA TRP B 36 -27.99 -15.07 -2.60
C TRP B 36 -27.55 -14.07 -3.65
N VAL B 37 -26.24 -13.81 -3.68
CA VAL B 37 -25.61 -12.79 -4.52
C VAL B 37 -24.34 -13.39 -5.09
N ARG B 38 -24.07 -13.18 -6.40
CA ARG B 38 -22.80 -13.66 -6.95
C ARG B 38 -21.92 -12.54 -7.51
N GLN B 39 -20.63 -12.82 -7.56
CA GLN B 39 -19.60 -11.91 -8.10
C GLN B 39 -18.68 -12.66 -9.07
N ALA B 40 -18.82 -12.40 -10.38
CA ALA B 40 -17.92 -13.03 -11.40
C ALA B 40 -16.50 -12.43 -11.33
N PRO B 41 -15.44 -13.15 -11.79
CA PRO B 41 -14.06 -12.60 -11.68
C PRO B 41 -13.89 -11.17 -12.19
N GLY B 42 -13.34 -10.30 -11.32
CA GLY B 42 -13.14 -8.89 -11.61
C GLY B 42 -14.41 -8.08 -11.87
N GLN B 43 -15.61 -8.60 -11.51
CA GLN B 43 -16.93 -7.97 -11.74
C GLN B 43 -17.58 -7.56 -10.42
N GLY B 44 -18.74 -6.90 -10.54
CA GLY B 44 -19.53 -6.42 -9.41
C GLY B 44 -20.48 -7.44 -8.81
N LEU B 45 -21.39 -6.97 -7.96
CA LEU B 45 -22.34 -7.83 -7.26
C LEU B 45 -23.65 -7.97 -8.00
N GLU B 46 -24.20 -9.17 -8.03
CA GLU B 46 -25.43 -9.48 -8.74
C GLU B 46 -26.38 -10.26 -7.84
N TRP B 47 -27.57 -9.72 -7.57
CA TRP B 47 -28.57 -10.40 -6.73
C TRP B 47 -29.21 -11.53 -7.52
N MET B 48 -29.23 -12.74 -6.94
CA MET B 48 -29.82 -13.90 -7.61
C MET B 48 -31.27 -14.21 -7.13
N GLY B 49 -31.45 -14.25 -5.82
CA GLY B 49 -32.75 -14.54 -5.24
C GLY B 49 -32.74 -14.53 -3.73
N GLY B 50 -33.92 -14.66 -3.16
CA GLY B 50 -34.14 -14.70 -1.72
C GLY B 50 -35.23 -15.67 -1.35
N ILE B 51 -35.14 -16.27 -0.17
CA ILE B 51 -36.12 -17.22 0.35
C ILE B 51 -36.52 -16.76 1.74
N ASN B 52 -37.79 -17.00 2.07
CA ASN B 52 -38.37 -16.76 3.39
C ASN B 52 -38.27 -18.13 4.10
N PRO B 53 -37.51 -18.29 5.21
CA PRO B 53 -37.40 -19.64 5.83
C PRO B 53 -38.64 -20.13 6.59
N SER B 54 -39.62 -19.26 6.91
CA SER B 54 -40.83 -19.68 7.63
C SER B 54 -41.84 -20.42 6.72
N ASN B 55 -42.16 -19.84 5.54
CA ASN B 55 -43.10 -20.43 4.59
C ASN B 55 -42.44 -21.01 3.29
N GLY B 56 -41.14 -20.76 3.07
CA GLY B 56 -40.44 -21.23 1.88
C GLY B 56 -40.67 -20.40 0.63
N GLY B 57 -41.36 -19.25 0.76
CA GLY B 57 -41.64 -18.33 -0.33
C GLY B 57 -40.35 -17.72 -0.82
N THR B 58 -40.21 -17.61 -2.17
CA THR B 58 -39.03 -17.12 -2.83
C THR B 58 -39.28 -15.94 -3.77
N ASN B 59 -38.19 -15.23 -4.12
CA ASN B 59 -38.16 -14.09 -5.07
C ASN B 59 -36.90 -14.27 -5.84
N PHE B 60 -36.95 -14.10 -7.15
CA PHE B 60 -35.83 -14.29 -8.02
C PHE B 60 -35.55 -13.14 -8.92
N ASN B 61 -34.34 -13.13 -9.45
CA ASN B 61 -33.89 -12.26 -10.52
C ASN B 61 -34.32 -13.06 -11.79
N GLU B 62 -34.98 -12.41 -12.78
CA GLU B 62 -35.47 -13.14 -13.97
C GLU B 62 -34.39 -13.94 -14.68
N LYS B 63 -33.14 -13.46 -14.68
CA LYS B 63 -31.99 -14.16 -15.26
C LYS B 63 -31.74 -15.56 -14.57
N PHE B 64 -32.07 -15.70 -13.28
CA PHE B 64 -31.84 -16.91 -12.51
C PHE B 64 -33.11 -17.66 -12.09
N LYS B 65 -34.32 -17.11 -12.31
CA LYS B 65 -35.54 -17.74 -11.82
C LYS B 65 -35.80 -19.14 -12.36
N ASN B 66 -35.19 -19.58 -13.48
CA ASN B 66 -35.45 -20.90 -14.05
C ASN B 66 -34.30 -21.91 -13.94
N ARG B 67 -33.15 -21.51 -13.36
CA ARG B 67 -32.02 -22.43 -13.15
C ARG B 67 -31.66 -22.58 -11.67
N VAL B 68 -32.23 -21.74 -10.77
CA VAL B 68 -31.92 -21.77 -9.34
C VAL B 68 -33.10 -22.26 -8.50
N THR B 69 -32.80 -23.12 -7.51
CA THR B 69 -33.75 -23.63 -6.54
C THR B 69 -33.22 -23.24 -5.16
N LEU B 70 -34.04 -22.51 -4.36
CA LEU B 70 -33.69 -22.10 -3.00
C LEU B 70 -34.52 -22.95 -2.02
N THR B 71 -33.85 -23.55 -1.05
CA THR B 71 -34.47 -24.35 0.00
C THR B 71 -33.82 -23.99 1.32
N THR B 72 -34.54 -24.21 2.41
CA THR B 72 -34.07 -23.99 3.78
C THR B 72 -34.40 -25.24 4.59
N ASP B 73 -33.48 -25.64 5.48
CA ASP B 73 -33.64 -26.77 6.40
C ASP B 73 -33.57 -26.13 7.77
N SER B 74 -34.73 -25.80 8.33
CA SER B 74 -34.85 -25.15 9.64
C SER B 74 -34.32 -26.00 10.81
N SER B 75 -34.26 -27.35 10.64
CA SER B 75 -33.70 -28.20 11.68
C SER B 75 -32.23 -27.85 11.86
N THR B 76 -31.45 -27.90 10.73
CA THR B 76 -30.03 -27.56 10.73
C THR B 76 -29.75 -26.06 10.42
N THR B 77 -30.77 -25.15 10.53
CA THR B 77 -30.69 -23.71 10.23
C THR B 77 -29.71 -23.41 9.07
N THR B 78 -29.86 -24.16 7.98
CA THR B 78 -29.03 -24.05 6.80
C THR B 78 -29.89 -23.61 5.63
N ALA B 79 -29.35 -22.70 4.80
CA ALA B 79 -30.00 -22.24 3.58
C ALA B 79 -29.22 -22.88 2.43
N TYR B 80 -29.88 -23.30 1.32
CA TYR B 80 -29.19 -23.91 0.18
C TYR B 80 -29.52 -23.24 -1.14
N MET B 81 -28.54 -23.27 -2.06
CA MET B 81 -28.66 -22.69 -3.38
C MET B 81 -28.19 -23.71 -4.43
N GLU B 82 -29.12 -24.22 -5.24
CA GLU B 82 -28.80 -25.18 -6.28
C GLU B 82 -28.84 -24.48 -7.63
N LEU B 83 -27.71 -24.42 -8.33
CA LEU B 83 -27.64 -23.84 -9.66
C LEU B 83 -27.42 -25.06 -10.63
N LYS B 84 -28.38 -25.28 -11.58
CA LYS B 84 -28.32 -26.40 -12.51
C LYS B 84 -27.85 -25.97 -13.91
N SER B 85 -27.47 -26.95 -14.75
CA SER B 85 -27.03 -26.70 -16.13
C SER B 85 -25.95 -25.65 -16.14
N LEU B 86 -24.84 -25.92 -15.47
CA LEU B 86 -23.76 -24.94 -15.33
C LEU B 86 -23.07 -24.56 -16.64
N GLN B 87 -22.97 -23.25 -16.87
CA GLN B 87 -22.33 -22.62 -18.00
C GLN B 87 -20.96 -22.07 -17.55
N PHE B 88 -20.05 -21.81 -18.49
CA PHE B 88 -18.72 -21.29 -18.15
C PHE B 88 -18.78 -19.94 -17.46
N ASP B 89 -19.77 -19.11 -17.80
CA ASP B 89 -19.95 -17.79 -17.19
C ASP B 89 -20.62 -17.85 -15.79
N ASP B 90 -20.83 -19.07 -15.23
CA ASP B 90 -21.31 -19.25 -13.87
C ASP B 90 -20.13 -19.31 -12.90
N THR B 91 -18.90 -19.19 -13.39
CA THR B 91 -17.73 -19.11 -12.54
C THR B 91 -17.81 -17.80 -11.77
N ALA B 92 -17.81 -17.88 -10.43
CA ALA B 92 -17.99 -16.69 -9.56
C ALA B 92 -17.86 -17.10 -8.12
N VAL B 93 -17.90 -16.10 -7.21
CA VAL B 93 -18.03 -16.31 -5.78
C VAL B 93 -19.52 -16.10 -5.51
N TYR B 94 -20.13 -17.06 -4.79
CA TYR B 94 -21.54 -17.04 -4.41
C TYR B 94 -21.61 -16.72 -2.93
N TYR B 95 -22.42 -15.70 -2.57
CA TYR B 95 -22.62 -15.31 -1.18
C TYR B 95 -24.05 -15.47 -0.76
N CYS B 96 -24.30 -15.98 0.45
CA CYS B 96 -25.60 -15.92 1.07
C CYS B 96 -25.48 -14.67 1.96
N ALA B 97 -26.59 -13.98 2.19
CA ALA B 97 -26.61 -12.80 3.04
C ALA B 97 -27.98 -12.70 3.72
N ARG B 98 -28.03 -12.22 4.97
CA ARG B 98 -29.31 -12.09 5.66
C ARG B 98 -29.87 -10.63 5.56
N ARG B 99 -31.20 -10.52 5.52
CA ARG B 99 -31.91 -9.26 5.51
C ARG B 99 -33.02 -9.40 6.52
N ASP B 100 -33.20 -8.38 7.37
CA ASP B 100 -34.29 -8.43 8.35
C ASP B 100 -35.64 -8.52 7.64
N TYR B 101 -36.45 -9.51 8.07
CA TYR B 101 -37.78 -9.74 7.51
C TYR B 101 -38.71 -8.60 7.88
N ARG B 102 -38.62 -8.17 9.14
CA ARG B 102 -39.51 -7.16 9.71
C ARG B 102 -39.35 -5.76 9.08
N PHE B 103 -38.12 -5.29 8.99
CA PHE B 103 -37.79 -3.98 8.44
C PHE B 103 -36.45 -4.06 7.67
N ASP B 104 -36.45 -3.60 6.43
CA ASP B 104 -35.26 -3.65 5.57
C ASP B 104 -34.17 -2.64 5.97
N MET B 105 -33.02 -3.15 6.53
CA MET B 105 -31.86 -2.35 6.93
C MET B 105 -30.59 -2.92 6.23
N GLY B 106 -30.78 -3.32 4.97
CA GLY B 106 -29.72 -3.88 4.14
C GLY B 106 -29.29 -5.30 4.48
N PHE B 107 -28.31 -5.79 3.72
CA PHE B 107 -27.68 -7.10 3.91
C PHE B 107 -26.71 -6.93 5.06
N ASP B 108 -27.19 -7.01 6.31
CA ASP B 108 -26.35 -6.74 7.49
C ASP B 108 -25.27 -7.78 7.76
N TYR B 109 -25.42 -9.02 7.27
CA TYR B 109 -24.41 -10.03 7.48
C TYR B 109 -24.35 -10.95 6.26
N TRP B 110 -23.11 -11.23 5.76
CA TRP B 110 -22.81 -12.06 4.61
C TRP B 110 -21.97 -13.27 5.00
N GLY B 111 -22.12 -14.36 4.26
CA GLY B 111 -21.29 -15.53 4.45
C GLY B 111 -19.92 -15.23 3.85
N GLN B 112 -18.92 -16.14 4.00
CA GLN B 112 -17.56 -15.83 3.51
C GLN B 112 -17.36 -15.91 2.00
N GLY B 113 -18.29 -16.51 1.28
CA GLY B 113 -18.16 -16.70 -0.15
C GLY B 113 -17.87 -18.16 -0.47
N THR B 114 -18.40 -18.63 -1.61
CA THR B 114 -18.15 -19.97 -2.12
C THR B 114 -17.73 -19.81 -3.58
N THR B 115 -16.48 -20.14 -3.87
CA THR B 115 -15.96 -20.07 -5.23
C THR B 115 -16.46 -21.29 -5.99
N VAL B 116 -17.14 -21.09 -7.13
CA VAL B 116 -17.59 -22.16 -8.02
C VAL B 116 -16.85 -21.92 -9.32
N THR B 117 -16.14 -22.93 -9.84
CA THR B 117 -15.40 -22.82 -11.10
C THR B 117 -16.00 -23.82 -12.05
N VAL B 118 -16.49 -23.35 -13.21
CA VAL B 118 -17.06 -24.24 -14.23
C VAL B 118 -15.98 -24.50 -15.25
N SER B 119 -15.55 -25.76 -15.37
CA SER B 119 -14.47 -26.11 -16.28
C SER B 119 -14.49 -27.58 -16.68
N SER B 120 -14.25 -27.82 -17.98
CA SER B 120 -14.10 -29.17 -18.53
C SER B 120 -12.68 -29.75 -18.20
N ALA B 121 -11.75 -28.94 -17.62
CA ALA B 121 -10.41 -29.41 -17.24
C ALA B 121 -10.40 -30.34 -16.02
N SER B 122 -9.34 -31.14 -15.92
CA SER B 122 -9.10 -32.04 -14.79
C SER B 122 -7.80 -31.61 -14.16
N THR B 123 -7.49 -32.09 -12.92
CA THR B 123 -6.25 -31.70 -12.23
C THR B 123 -5.02 -31.87 -13.13
N LYS B 124 -4.19 -30.82 -13.21
CA LYS B 124 -2.97 -30.82 -14.03
C LYS B 124 -1.94 -29.91 -13.40
N GLY B 125 -0.72 -30.39 -13.31
CA GLY B 125 0.41 -29.65 -12.78
C GLY B 125 1.01 -28.71 -13.81
N PRO B 126 1.59 -27.58 -13.37
CA PRO B 126 2.16 -26.64 -14.35
C PRO B 126 3.52 -27.11 -14.89
N SER B 127 3.90 -26.46 -15.98
CA SER B 127 5.20 -26.55 -16.57
C SER B 127 5.80 -25.21 -16.10
N VAL B 128 7.08 -25.18 -15.76
CA VAL B 128 7.70 -23.94 -15.26
C VAL B 128 8.82 -23.55 -16.23
N PHE B 129 8.72 -22.34 -16.80
CA PHE B 129 9.67 -21.84 -17.79
C PHE B 129 10.37 -20.61 -17.29
N PRO B 130 11.68 -20.44 -17.50
CA PRO B 130 12.33 -19.22 -17.01
C PRO B 130 12.03 -18.01 -17.91
N LEU B 131 11.99 -16.84 -17.30
CA LEU B 131 11.81 -15.56 -17.98
C LEU B 131 13.10 -14.79 -17.74
N ALA B 132 13.93 -14.76 -18.77
CA ALA B 132 15.24 -14.11 -18.72
C ALA B 132 15.42 -13.25 -19.99
N PRO B 133 16.04 -12.05 -19.85
CA PRO B 133 16.27 -11.19 -21.03
C PRO B 133 17.11 -11.83 -22.17
N CYS B 134 16.94 -11.28 -23.39
CA CYS B 134 17.63 -11.72 -24.60
C CYS B 134 19.04 -11.12 -24.64
N GLU B 140 21.90 -0.29 -18.04
CA GLU B 140 20.63 -0.52 -17.31
C GLU B 140 20.89 -1.03 -15.88
N SER B 141 20.72 -0.16 -14.84
CA SER B 141 21.03 -0.51 -13.45
C SER B 141 20.14 -1.60 -12.80
N THR B 142 18.92 -1.82 -13.32
CA THR B 142 17.98 -2.82 -12.77
C THR B 142 17.62 -3.85 -13.85
N ALA B 143 17.70 -5.15 -13.48
CA ALA B 143 17.37 -6.27 -14.35
C ALA B 143 16.05 -6.88 -13.88
N ALA B 144 15.27 -7.45 -14.81
CA ALA B 144 14.05 -8.19 -14.47
C ALA B 144 14.23 -9.68 -14.86
N LEU B 145 13.73 -10.57 -14.01
CA LEU B 145 13.74 -12.00 -14.30
C LEU B 145 12.53 -12.64 -13.67
N GLY B 146 12.09 -13.76 -14.22
CA GLY B 146 10.90 -14.39 -13.69
C GLY B 146 10.71 -15.84 -14.02
N CYS B 147 9.48 -16.31 -13.77
CA CYS B 147 9.05 -17.66 -14.05
C CYS B 147 7.66 -17.64 -14.69
N LEU B 148 7.52 -18.28 -15.86
CA LEU B 148 6.22 -18.47 -16.48
C LEU B 148 5.73 -19.86 -15.99
N VAL B 149 4.65 -19.89 -15.17
CA VAL B 149 4.00 -21.09 -14.60
C VAL B 149 2.77 -21.33 -15.49
N LYS B 150 2.89 -22.18 -16.51
CA LYS B 150 1.86 -22.36 -17.54
C LYS B 150 1.08 -23.70 -17.51
N ASP B 151 -0.26 -23.64 -17.82
CA ASP B 151 -1.18 -24.78 -17.96
C ASP B 151 -1.34 -25.64 -16.71
N TYR B 152 -1.95 -25.08 -15.70
CA TYR B 152 -2.25 -25.85 -14.48
C TYR B 152 -3.74 -25.74 -14.18
N PHE B 153 -4.25 -26.72 -13.46
CA PHE B 153 -5.65 -26.75 -13.04
C PHE B 153 -5.77 -27.63 -11.80
N PRO B 154 -6.56 -27.25 -10.76
CA PRO B 154 -7.27 -25.99 -10.52
C PRO B 154 -6.33 -24.98 -9.86
N GLU B 155 -6.86 -23.85 -9.40
CA GLU B 155 -6.06 -22.89 -8.66
C GLU B 155 -5.94 -23.38 -7.22
N PRO B 156 -4.96 -22.88 -6.45
CA PRO B 156 -3.92 -21.88 -6.81
C PRO B 156 -2.52 -22.51 -6.90
N VAL B 157 -1.56 -21.69 -7.37
CA VAL B 157 -0.12 -22.01 -7.31
C VAL B 157 0.45 -20.88 -6.46
N THR B 158 1.46 -21.18 -5.63
CA THR B 158 2.17 -20.16 -4.88
C THR B 158 3.62 -20.13 -5.45
N VAL B 159 4.22 -18.92 -5.50
CA VAL B 159 5.57 -18.76 -5.99
C VAL B 159 6.39 -18.00 -4.97
N SER B 160 7.58 -18.53 -4.63
CA SER B 160 8.52 -17.86 -3.76
C SER B 160 9.85 -17.79 -4.53
N TRP B 161 10.78 -17.00 -4.01
CA TRP B 161 12.06 -16.82 -4.66
C TRP B 161 13.13 -17.11 -3.65
N ASN B 162 14.14 -17.90 -4.04
CA ASN B 162 15.29 -18.28 -3.21
C ASN B 162 14.83 -18.76 -1.84
N SER B 163 13.76 -19.60 -1.81
CA SER B 163 13.18 -20.19 -0.60
C SER B 163 12.70 -19.17 0.43
N GLY B 164 12.24 -18.00 -0.03
CA GLY B 164 11.77 -16.93 0.84
C GLY B 164 12.82 -15.92 1.24
N ALA B 165 14.08 -16.11 0.83
CA ALA B 165 15.17 -15.15 1.12
C ALA B 165 14.97 -13.85 0.29
N LEU B 166 14.45 -14.00 -0.94
CA LEU B 166 14.17 -12.90 -1.84
C LEU B 166 12.68 -12.60 -1.81
N THR B 167 12.29 -11.50 -1.16
CA THR B 167 10.91 -11.04 -1.07
C THR B 167 10.77 -9.64 -1.70
N SER B 168 11.76 -8.74 -1.52
CA SER B 168 11.70 -7.40 -2.13
C SER B 168 11.80 -7.45 -3.67
N GLY B 169 10.93 -6.67 -4.34
CA GLY B 169 10.87 -6.59 -5.79
C GLY B 169 10.13 -7.73 -6.47
N VAL B 170 9.46 -8.63 -5.69
CA VAL B 170 8.75 -9.78 -6.25
C VAL B 170 7.29 -9.44 -6.53
N HIS B 171 6.79 -9.76 -7.75
CA HIS B 171 5.38 -9.61 -8.11
C HIS B 171 4.88 -10.90 -8.66
N THR B 172 4.01 -11.62 -7.93
CA THR B 172 3.42 -12.83 -8.49
C THR B 172 2.08 -12.38 -9.03
N PHE B 173 1.93 -12.42 -10.35
CA PHE B 173 0.69 -12.00 -11.00
C PHE B 173 -0.50 -12.91 -10.73
N PRO B 174 -1.74 -12.36 -10.66
CA PRO B 174 -2.92 -13.24 -10.54
C PRO B 174 -3.05 -14.11 -11.81
N ALA B 175 -3.53 -15.34 -11.70
CA ALA B 175 -3.61 -16.22 -12.85
C ALA B 175 -4.63 -15.80 -13.89
N VAL B 176 -4.39 -16.19 -15.16
CA VAL B 176 -5.30 -15.95 -16.30
C VAL B 176 -5.85 -17.31 -16.74
N LEU B 177 -7.17 -17.40 -16.92
CA LEU B 177 -7.79 -18.59 -17.46
C LEU B 177 -7.58 -18.52 -18.96
N GLN B 178 -6.93 -19.54 -19.54
CA GLN B 178 -6.68 -19.53 -20.99
C GLN B 178 -7.88 -20.15 -21.77
N SER B 179 -7.81 -20.06 -23.12
CA SER B 179 -8.83 -20.66 -24.01
C SER B 179 -8.99 -22.18 -23.70
N SER B 180 -7.84 -22.86 -23.44
CA SER B 180 -7.78 -24.29 -23.13
C SER B 180 -8.47 -24.73 -21.84
N GLY B 181 -8.79 -23.77 -20.96
CA GLY B 181 -9.42 -24.07 -19.68
C GLY B 181 -8.43 -24.35 -18.58
N LEU B 182 -7.15 -24.06 -18.81
CA LEU B 182 -6.12 -24.23 -17.82
C LEU B 182 -5.61 -22.86 -17.47
N TYR B 183 -5.14 -22.71 -16.24
CA TYR B 183 -4.58 -21.46 -15.76
C TYR B 183 -3.12 -21.30 -16.14
N SER B 184 -2.66 -20.07 -16.07
CA SER B 184 -1.29 -19.70 -16.35
C SER B 184 -0.94 -18.41 -15.59
N LEU B 185 0.27 -18.32 -15.07
CA LEU B 185 0.71 -17.09 -14.42
C LEU B 185 2.21 -16.87 -14.56
N SER B 186 2.64 -15.67 -14.16
CA SER B 186 4.04 -15.30 -14.14
C SER B 186 4.40 -14.66 -12.81
N SER B 187 5.63 -14.91 -12.39
CA SER B 187 6.21 -14.35 -11.19
C SER B 187 7.50 -13.72 -11.65
N VAL B 188 7.69 -12.44 -11.31
CA VAL B 188 8.88 -11.72 -11.68
C VAL B 188 9.53 -11.15 -10.42
N VAL B 189 10.77 -10.77 -10.56
CA VAL B 189 11.54 -10.12 -9.53
C VAL B 189 12.48 -9.10 -10.22
N THR B 190 12.62 -7.89 -9.67
CA THR B 190 13.60 -6.96 -10.25
C THR B 190 14.80 -7.00 -9.32
N VAL B 191 16.02 -6.95 -9.88
CA VAL B 191 17.26 -7.03 -9.09
C VAL B 191 18.33 -6.13 -9.68
N PRO B 192 19.35 -5.73 -8.87
CA PRO B 192 20.46 -4.92 -9.43
C PRO B 192 21.18 -5.69 -10.53
N SER B 193 21.37 -5.08 -11.71
CA SER B 193 22.09 -5.75 -12.81
C SER B 193 23.48 -6.27 -12.38
N SER B 194 24.19 -5.53 -11.50
CA SER B 194 25.48 -5.94 -10.96
C SER B 194 25.46 -7.33 -10.28
N SER B 195 24.33 -7.71 -9.66
CA SER B 195 24.21 -9.02 -9.00
C SER B 195 24.23 -10.19 -9.98
N LEU B 196 23.70 -10.02 -11.20
CA LEU B 196 23.54 -11.11 -12.17
C LEU B 196 24.75 -12.06 -12.26
N GLY B 197 25.97 -11.52 -12.13
CA GLY B 197 27.18 -12.33 -12.14
C GLY B 197 27.40 -13.05 -10.82
N THR B 198 27.30 -12.31 -9.71
CA THR B 198 27.51 -12.83 -8.36
C THR B 198 26.39 -13.77 -7.83
N LYS B 199 25.13 -13.27 -7.80
CA LYS B 199 23.95 -13.97 -7.22
C LYS B 199 23.20 -14.89 -8.18
N THR B 200 22.56 -15.93 -7.62
CA THR B 200 21.69 -16.88 -8.34
C THR B 200 20.23 -16.58 -7.96
N TYR B 201 19.30 -16.86 -8.88
CA TYR B 201 17.87 -16.61 -8.65
C TYR B 201 17.10 -17.84 -9.00
N THR B 202 16.34 -18.34 -8.02
CA THR B 202 15.55 -19.54 -8.17
C THR B 202 14.12 -19.30 -7.74
N CYS B 203 13.16 -19.69 -8.59
CA CYS B 203 11.74 -19.61 -8.27
C CYS B 203 11.22 -21.00 -7.84
N ASN B 204 10.52 -21.01 -6.69
CA ASN B 204 9.96 -22.22 -6.04
C ASN B 204 8.46 -22.22 -6.30
N VAL B 205 8.00 -23.10 -7.18
CA VAL B 205 6.59 -23.19 -7.58
C VAL B 205 5.94 -24.37 -6.87
N ASP B 206 4.76 -24.15 -6.25
CA ASP B 206 4.03 -25.15 -5.52
C ASP B 206 2.58 -25.16 -5.98
N HIS B 207 2.10 -26.30 -6.49
CA HIS B 207 0.71 -26.51 -6.93
C HIS B 207 0.21 -27.70 -6.13
N LYS B 208 -0.34 -27.41 -4.94
CA LYS B 208 -0.87 -28.43 -4.00
C LYS B 208 -1.85 -29.41 -4.66
N PRO B 209 -2.86 -28.96 -5.44
CA PRO B 209 -3.81 -29.92 -6.07
C PRO B 209 -3.21 -31.11 -6.86
N SER B 210 -2.06 -30.91 -7.52
CA SER B 210 -1.36 -31.98 -8.25
C SER B 210 -0.11 -32.47 -7.47
N ASN B 211 0.12 -31.94 -6.25
CA ASN B 211 1.29 -32.26 -5.44
C ASN B 211 2.60 -31.97 -6.24
N THR B 212 2.60 -30.87 -7.03
CA THR B 212 3.76 -30.50 -7.86
C THR B 212 4.56 -29.43 -7.16
N LYS B 213 5.88 -29.62 -7.11
CA LYS B 213 6.83 -28.67 -6.53
C LYS B 213 8.02 -28.55 -7.50
N VAL B 214 8.29 -27.31 -8.00
CA VAL B 214 9.41 -27.07 -8.94
C VAL B 214 10.25 -25.93 -8.44
N ASP B 215 11.56 -26.12 -8.44
CA ASP B 215 12.56 -25.12 -8.07
C ASP B 215 13.34 -24.92 -9.37
N LYS B 216 13.14 -23.78 -10.08
CA LYS B 216 13.75 -23.54 -11.38
C LYS B 216 14.74 -22.42 -11.28
N ARG B 217 15.98 -22.68 -11.70
CA ARG B 217 17.04 -21.68 -11.70
C ARG B 217 16.83 -20.83 -12.94
N VAL B 218 16.75 -19.52 -12.77
CA VAL B 218 16.59 -18.59 -13.88
C VAL B 218 17.97 -17.95 -14.17
N GLU B 219 18.55 -18.21 -15.36
CA GLU B 219 19.88 -17.67 -15.71
C GLU B 219 19.85 -16.79 -16.95
N GLY B 236 22.78 14.84 -10.20
CA GLY B 236 22.17 13.76 -10.96
C GLY B 236 21.00 13.16 -10.21
N GLY B 237 19.82 13.77 -10.38
CA GLY B 237 18.61 13.39 -9.68
C GLY B 237 18.51 14.10 -8.33
N PRO B 238 17.32 14.18 -7.69
CA PRO B 238 17.23 14.88 -6.39
C PRO B 238 17.98 14.17 -5.25
N SER B 239 18.39 14.93 -4.22
CA SER B 239 19.11 14.38 -3.06
C SER B 239 18.36 14.74 -1.77
N VAL B 240 18.32 13.79 -0.81
CA VAL B 240 17.61 13.94 0.45
C VAL B 240 18.56 14.04 1.68
N PHE B 241 18.30 15.00 2.59
CA PHE B 241 19.03 15.17 3.86
C PHE B 241 17.99 15.08 4.99
N LEU B 242 18.22 14.21 5.98
CA LEU B 242 17.32 14.00 7.10
C LEU B 242 18.03 14.57 8.37
N PHE B 243 17.40 15.53 9.10
CA PHE B 243 18.03 16.20 10.26
C PHE B 243 17.39 15.80 11.59
N PRO B 244 18.18 15.56 12.66
CA PRO B 244 17.55 15.17 13.95
C PRO B 244 16.92 16.37 14.62
N PRO B 245 16.20 16.19 15.75
CA PRO B 245 15.68 17.36 16.48
C PRO B 245 16.81 18.16 17.15
N LYS B 246 16.55 19.42 17.53
CA LYS B 246 17.53 20.22 18.29
C LYS B 246 17.65 19.55 19.69
N PRO B 247 18.85 19.38 20.29
CA PRO B 247 18.95 18.70 21.61
C PRO B 247 18.10 19.28 22.76
N LYS B 248 17.91 20.61 22.83
CA LYS B 248 17.11 21.26 23.88
C LYS B 248 15.62 20.85 23.78
N ASP B 249 15.14 20.66 22.53
CA ASP B 249 13.75 20.37 22.22
C ASP B 249 13.28 19.03 22.71
N THR B 250 14.14 18.03 22.68
CA THR B 250 13.77 16.68 23.12
C THR B 250 13.85 16.53 24.67
N LEU B 251 14.41 17.53 25.39
CA LEU B 251 14.68 17.48 26.82
C LEU B 251 13.74 18.34 27.63
N MET B 252 13.00 19.26 27.00
CA MET B 252 12.06 20.17 27.66
C MET B 252 10.65 19.91 27.09
N ILE B 253 9.67 19.50 27.94
CA ILE B 253 8.28 19.24 27.51
C ILE B 253 7.63 20.50 26.91
N SER B 254 8.12 21.70 27.27
CA SER B 254 7.58 22.96 26.75
C SER B 254 7.92 23.18 25.28
N ARG B 255 9.07 22.67 24.81
CA ARG B 255 9.51 22.83 23.42
C ARG B 255 9.01 21.68 22.54
N THR B 256 9.04 21.87 21.20
CA THR B 256 8.56 20.85 20.23
C THR B 256 9.72 20.22 19.40
N PRO B 257 10.10 18.95 19.66
CA PRO B 257 11.18 18.32 18.86
C PRO B 257 10.68 17.85 17.48
N GLU B 258 11.47 18.08 16.43
CA GLU B 258 11.09 17.71 15.07
C GLU B 258 12.22 17.08 14.27
N VAL B 259 11.91 16.10 13.44
CA VAL B 259 12.84 15.54 12.49
C VAL B 259 12.49 16.26 11.17
N THR B 260 13.49 16.65 10.34
CA THR B 260 13.32 17.41 9.09
C THR B 260 13.93 16.71 7.87
N CYS B 261 13.11 16.47 6.84
CA CYS B 261 13.52 15.87 5.59
C CYS B 261 13.60 16.97 4.57
N VAL B 262 14.77 17.19 3.93
CA VAL B 262 14.90 18.24 2.93
C VAL B 262 15.36 17.60 1.63
N VAL B 263 14.60 17.82 0.53
CA VAL B 263 14.99 17.30 -0.78
C VAL B 263 15.38 18.51 -1.64
N VAL B 264 16.60 18.43 -2.21
CA VAL B 264 17.21 19.43 -3.09
C VAL B 264 17.41 18.77 -4.45
N ASP B 265 17.64 19.60 -5.47
CA ASP B 265 17.85 19.21 -6.86
C ASP B 265 16.62 18.54 -7.45
N VAL B 266 15.44 19.09 -7.13
CA VAL B 266 14.18 18.63 -7.69
C VAL B 266 14.06 19.38 -9.03
N SER B 267 13.92 18.65 -10.17
CA SER B 267 13.86 19.29 -11.50
C SER B 267 12.76 20.34 -11.64
N GLN B 268 12.96 21.25 -12.59
CA GLN B 268 11.95 22.23 -12.96
C GLN B 268 10.80 21.46 -13.67
N GLU B 269 11.14 20.32 -14.32
CA GLU B 269 10.23 19.44 -15.06
C GLU B 269 9.39 18.52 -14.17
N ASP B 270 9.78 18.26 -12.90
CA ASP B 270 9.09 17.35 -11.99
C ASP B 270 8.91 17.94 -10.55
N PRO B 271 8.00 18.94 -10.40
CA PRO B 271 7.75 19.53 -9.08
C PRO B 271 7.10 18.60 -8.03
N GLU B 272 6.56 17.43 -8.46
CA GLU B 272 6.04 16.25 -7.69
C GLU B 272 6.53 16.12 -6.22
N VAL B 273 6.03 16.99 -5.35
CA VAL B 273 6.37 17.05 -3.91
C VAL B 273 5.88 15.79 -3.01
N GLN B 274 6.56 14.57 -2.96
CA GLN B 274 5.98 13.51 -2.04
C GLN B 274 6.86 12.89 -0.89
N PHE B 275 6.32 12.87 0.36
CA PHE B 275 6.99 12.28 1.54
C PHE B 275 6.17 11.21 2.22
N ASN B 276 6.78 10.12 2.68
CA ASN B 276 6.13 9.08 3.50
C ASN B 276 7.03 8.94 4.76
N TRP B 277 6.44 8.91 5.96
CA TRP B 277 7.19 8.88 7.21
C TRP B 277 6.88 7.65 8.01
N TYR B 278 7.90 6.98 8.56
CA TYR B 278 7.69 5.77 9.39
C TYR B 278 8.44 5.93 10.69
N VAL B 279 7.84 5.48 11.80
CA VAL B 279 8.42 5.48 13.15
C VAL B 279 8.55 3.99 13.51
N ASP B 280 9.77 3.46 13.63
CA ASP B 280 10.04 2.02 13.85
C ASP B 280 9.33 1.13 12.81
N GLY B 281 9.35 1.59 11.54
CA GLY B 281 8.76 0.91 10.40
C GLY B 281 7.27 1.07 10.21
N VAL B 282 6.57 1.80 11.12
CA VAL B 282 5.13 2.04 11.06
C VAL B 282 4.84 3.41 10.45
N GLU B 283 4.02 3.47 9.41
CA GLU B 283 3.70 4.76 8.80
C GLU B 283 2.91 5.72 9.70
N VAL B 284 3.25 7.02 9.68
CA VAL B 284 2.53 8.05 10.46
C VAL B 284 2.15 9.15 9.46
N HIS B 285 1.03 9.85 9.68
CA HIS B 285 0.46 10.84 8.73
C HIS B 285 0.37 12.28 9.25
N ASN B 286 1.01 12.58 10.39
CA ASN B 286 0.97 13.93 10.96
C ASN B 286 2.12 14.88 10.51
N ALA B 287 2.95 14.53 9.49
CA ALA B 287 4.01 15.44 9.04
C ALA B 287 3.40 16.59 8.25
N LYS B 288 4.07 17.74 8.24
CA LYS B 288 3.62 18.94 7.54
C LYS B 288 4.66 19.31 6.46
N THR B 289 4.25 19.25 5.18
CA THR B 289 5.10 19.56 4.04
C THR B 289 5.01 21.05 3.77
N LYS B 290 6.17 21.70 3.62
CA LYS B 290 6.23 23.13 3.41
C LYS B 290 6.00 23.40 1.94
N PRO B 291 5.63 24.65 1.56
CA PRO B 291 5.46 24.93 0.13
C PRO B 291 6.81 24.91 -0.60
N ARG B 292 6.78 24.42 -1.85
CA ARG B 292 7.91 24.31 -2.78
C ARG B 292 8.68 25.63 -2.86
N GLU B 293 10.03 25.61 -2.83
CA GLU B 293 10.87 26.82 -2.92
C GLU B 293 11.85 26.76 -4.09
N GLU B 294 11.73 27.70 -5.06
CA GLU B 294 12.62 27.78 -6.23
C GLU B 294 13.99 28.27 -5.79
N GLN B 295 15.06 27.62 -6.26
CA GLN B 295 16.44 27.97 -5.92
C GLN B 295 17.10 28.76 -7.05
N PHE B 296 18.22 29.44 -6.75
CA PHE B 296 18.97 30.25 -7.72
C PHE B 296 19.69 29.41 -8.82
N ASN B 297 19.62 28.06 -8.75
CA ASN B 297 20.26 27.15 -9.72
C ASN B 297 19.22 26.37 -10.55
N SER B 298 18.06 27.00 -10.83
CA SER B 298 16.97 26.42 -11.64
C SER B 298 16.37 25.07 -11.09
N THR B 299 16.43 24.84 -9.76
CA THR B 299 15.85 23.63 -9.15
C THR B 299 14.97 24.03 -7.98
N TYR B 300 14.11 23.09 -7.51
CA TYR B 300 13.26 23.35 -6.34
C TYR B 300 13.90 22.72 -5.10
N ARG B 301 13.49 23.20 -3.94
CA ARG B 301 13.89 22.70 -2.63
C ARG B 301 12.59 22.51 -1.85
N VAL B 302 12.35 21.32 -1.25
CA VAL B 302 11.11 21.07 -0.51
C VAL B 302 11.40 20.30 0.81
N VAL B 303 10.84 20.82 1.91
CA VAL B 303 11.03 20.33 3.28
C VAL B 303 9.74 19.77 3.87
N SER B 304 9.84 18.61 4.59
CA SER B 304 8.73 18.01 5.35
C SER B 304 9.16 17.91 6.79
N VAL B 305 8.28 18.27 7.74
CA VAL B 305 8.62 18.32 9.16
C VAL B 305 7.74 17.42 10.01
N LEU B 306 8.33 16.34 10.54
CA LEU B 306 7.65 15.41 11.42
C LEU B 306 7.96 15.81 12.87
N THR B 307 6.93 16.15 13.64
CA THR B 307 7.01 16.46 15.06
C THR B 307 7.14 15.11 15.75
N VAL B 308 8.01 15.02 16.74
CA VAL B 308 8.24 13.74 17.40
C VAL B 308 7.89 13.82 18.87
N LEU B 309 7.64 12.64 19.46
CA LEU B 309 7.37 12.55 20.90
C LEU B 309 8.74 12.61 21.59
N HIS B 310 8.90 13.43 22.64
CA HIS B 310 10.18 13.57 23.38
C HIS B 310 10.77 12.20 23.79
N GLN B 311 9.93 11.36 24.40
CA GLN B 311 10.34 10.05 24.87
C GLN B 311 10.60 9.06 23.74
N ASP B 312 9.93 9.22 22.57
CA ASP B 312 10.18 8.34 21.42
C ASP B 312 11.60 8.59 20.87
N TRP B 313 12.01 9.86 20.75
CA TRP B 313 13.37 10.14 20.31
C TRP B 313 14.35 9.55 21.37
N LEU B 314 14.14 9.84 22.66
CA LEU B 314 15.02 9.35 23.73
C LEU B 314 15.02 7.81 23.91
N ASN B 315 13.93 7.12 23.55
CA ASN B 315 13.90 5.65 23.62
C ASN B 315 14.59 4.95 22.41
N GLY B 316 15.11 5.70 21.44
CA GLY B 316 15.83 5.13 20.31
C GLY B 316 15.01 4.74 19.10
N LYS B 317 13.77 5.28 18.98
CA LYS B 317 12.92 5.04 17.82
C LYS B 317 13.58 5.62 16.56
N GLU B 318 13.49 4.86 15.44
CA GLU B 318 14.06 5.24 14.14
C GLU B 318 13.03 5.97 13.34
N TYR B 319 13.39 7.16 12.83
CA TYR B 319 12.52 7.98 12.00
C TYR B 319 13.00 7.86 10.56
N LYS B 320 12.16 7.33 9.68
CA LYS B 320 12.48 7.12 8.27
C LYS B 320 11.69 8.07 7.41
N CYS B 321 12.36 8.67 6.44
CA CYS B 321 11.78 9.58 5.49
C CYS B 321 11.98 8.97 4.10
N LYS B 322 10.88 8.66 3.37
CA LYS B 322 10.92 8.10 2.01
C LYS B 322 10.45 9.19 1.05
N VAL B 323 11.30 9.59 0.08
CA VAL B 323 10.97 10.65 -0.88
C VAL B 323 10.65 10.07 -2.26
N SER B 324 9.51 10.51 -2.86
CA SER B 324 9.04 10.05 -4.17
C SER B 324 8.87 11.24 -5.09
N ASN B 325 9.31 11.07 -6.34
CA ASN B 325 9.30 12.11 -7.36
C ASN B 325 9.32 11.41 -8.71
N LYS B 326 8.73 12.01 -9.78
CA LYS B 326 8.75 11.36 -11.11
C LYS B 326 10.18 11.26 -11.69
N GLY B 327 11.05 12.20 -11.30
CA GLY B 327 12.46 12.21 -11.66
C GLY B 327 13.36 11.29 -10.82
N LEU B 328 12.78 10.42 -9.99
CA LEU B 328 13.54 9.47 -9.20
C LEU B 328 13.15 8.08 -9.68
N PRO B 329 14.00 7.31 -10.43
CA PRO B 329 13.61 5.92 -10.82
C PRO B 329 13.04 5.06 -9.69
N SER B 330 13.55 5.25 -8.45
CA SER B 330 13.02 4.59 -7.25
C SER B 330 13.09 5.58 -6.04
N SER B 331 12.32 5.31 -5.00
CA SER B 331 12.25 6.23 -3.85
C SER B 331 13.57 6.34 -3.08
N ILE B 332 13.87 7.52 -2.53
CA ILE B 332 15.04 7.76 -1.70
C ILE B 332 14.58 7.65 -0.22
N GLU B 333 15.05 6.62 0.47
CA GLU B 333 14.79 6.44 1.89
C GLU B 333 16.01 6.97 2.69
N LYS B 334 15.75 7.56 3.85
CA LYS B 334 16.77 8.06 4.79
C LYS B 334 16.25 7.82 6.22
N THR B 335 17.11 7.29 7.11
CA THR B 335 16.71 6.96 8.49
C THR B 335 17.56 7.76 9.48
N ILE B 336 17.04 8.01 10.66
CA ILE B 336 17.77 8.73 11.70
C ILE B 336 17.21 8.37 13.07
N SER B 337 18.10 8.09 14.01
CA SER B 337 17.77 7.79 15.38
C SER B 337 18.80 8.40 16.29
N LYS B 338 18.51 8.39 17.58
CA LYS B 338 19.43 8.85 18.59
C LYS B 338 20.52 7.76 18.69
N ALA B 339 21.81 8.19 18.88
CA ALA B 339 22.95 7.29 18.98
C ALA B 339 22.77 6.22 20.06
N LYS B 340 23.12 4.97 19.73
CA LYS B 340 22.98 3.84 20.65
C LYS B 340 24.17 3.81 21.56
N GLY B 341 23.99 3.19 22.72
CA GLY B 341 25.02 3.09 23.74
C GLY B 341 24.50 3.65 25.04
N GLN B 342 25.09 3.19 26.17
CA GLN B 342 24.70 3.57 27.53
C GLN B 342 24.79 5.09 27.74
N PRO B 343 23.69 5.82 28.01
CA PRO B 343 23.83 7.26 28.28
C PRO B 343 24.72 7.53 29.48
N ARG B 344 25.65 8.47 29.33
CA ARG B 344 26.58 8.89 30.37
C ARG B 344 26.36 10.39 30.66
N GLU B 345 26.47 10.74 31.91
CA GLU B 345 26.15 12.05 32.43
C GLU B 345 27.31 13.03 32.28
N PRO B 346 27.05 14.26 31.81
CA PRO B 346 28.14 15.25 31.74
C PRO B 346 28.65 15.67 33.11
N GLN B 347 29.94 16.04 33.18
CA GLN B 347 30.58 16.62 34.35
C GLN B 347 30.85 18.05 33.92
N VAL B 348 30.43 19.04 34.72
CA VAL B 348 30.57 20.46 34.39
C VAL B 348 31.56 21.15 35.32
N TYR B 349 32.61 21.76 34.77
CA TYR B 349 33.62 22.49 35.53
C TYR B 349 33.78 23.86 34.96
N THR B 350 33.72 24.90 35.78
CA THR B 350 33.89 26.28 35.30
C THR B 350 35.27 26.71 35.71
N LEU B 351 36.02 27.30 34.78
CA LEU B 351 37.39 27.73 35.03
C LEU B 351 37.49 29.27 34.88
N PRO B 352 38.06 29.99 35.88
CA PRO B 352 38.12 31.46 35.79
C PRO B 352 39.12 31.97 34.76
N PRO B 353 39.10 33.29 34.41
CA PRO B 353 40.09 33.81 33.47
C PRO B 353 41.50 33.71 33.99
N SER B 354 42.45 33.48 33.08
CA SER B 354 43.89 33.43 33.40
C SER B 354 44.30 34.78 33.91
N GLN B 355 45.19 34.83 34.93
CA GLN B 355 45.70 36.13 35.43
C GLN B 355 46.41 36.92 34.33
N GLU B 356 47.03 36.22 33.34
CA GLU B 356 47.70 36.82 32.19
C GLU B 356 46.74 37.54 31.22
N GLU B 357 45.42 37.25 31.28
CA GLU B 357 44.41 37.90 30.44
C GLU B 357 43.80 39.16 31.15
N MET B 358 44.20 39.47 32.40
CA MET B 358 43.63 40.60 33.14
C MET B 358 44.15 41.97 32.67
N THR B 359 45.13 42.00 31.75
CA THR B 359 45.62 43.21 31.14
C THR B 359 44.86 43.44 29.79
N LYS B 360 43.50 43.26 29.80
CA LYS B 360 42.63 43.42 28.62
C LYS B 360 41.25 43.94 29.07
N ASN B 361 40.51 44.65 28.18
CA ASN B 361 39.19 45.22 28.46
C ASN B 361 38.11 44.13 28.56
N GLN B 362 38.38 42.94 28.00
CA GLN B 362 37.50 41.80 28.04
C GLN B 362 38.25 40.53 28.49
N VAL B 363 37.57 39.63 29.26
CA VAL B 363 38.13 38.37 29.78
C VAL B 363 37.28 37.16 29.39
N SER B 364 37.92 35.98 29.38
CA SER B 364 37.29 34.72 28.96
C SER B 364 36.92 33.79 30.12
N LEU B 365 35.61 33.54 30.30
CA LEU B 365 35.12 32.58 31.31
C LEU B 365 34.94 31.26 30.55
N THR B 366 35.51 30.19 31.08
CA THR B 366 35.48 28.88 30.44
C THR B 366 34.58 27.93 31.18
N CYS B 367 33.92 27.04 30.41
CA CYS B 367 33.09 25.98 30.95
C CYS B 367 33.50 24.68 30.27
N LEU B 368 34.03 23.73 31.06
CA LEU B 368 34.42 22.42 30.56
C LEU B 368 33.25 21.42 30.87
N VAL B 369 32.67 20.81 29.83
CA VAL B 369 31.62 19.80 29.94
C VAL B 369 32.23 18.53 29.37
N LYS B 370 32.29 17.43 30.15
CA LYS B 370 32.97 16.22 29.72
C LYS B 370 32.35 14.96 30.27
N GLY B 371 32.75 13.84 29.70
CA GLY B 371 32.28 12.53 30.10
C GLY B 371 30.85 12.19 29.76
N PHE B 372 30.25 12.87 28.75
CA PHE B 372 28.85 12.66 28.38
C PHE B 372 28.70 11.80 27.13
N TYR B 373 27.52 11.18 27.01
CA TYR B 373 27.17 10.32 25.90
C TYR B 373 25.65 10.15 25.93
N PRO B 374 24.97 10.23 24.77
CA PRO B 374 25.49 10.60 23.44
C PRO B 374 25.94 12.09 23.37
N SER B 375 26.51 12.51 22.24
CA SER B 375 27.01 13.87 22.04
C SER B 375 25.93 15.00 21.93
N ASP B 376 24.63 14.67 21.98
CA ASP B 376 23.54 15.66 21.88
C ASP B 376 23.46 16.41 23.22
N ILE B 377 23.73 17.71 23.20
CA ILE B 377 23.79 18.51 24.41
C ILE B 377 23.48 19.95 24.03
N ALA B 378 23.07 20.74 25.01
CA ALA B 378 22.82 22.18 24.88
C ALA B 378 23.56 22.83 26.04
N VAL B 379 24.33 23.89 25.76
CA VAL B 379 25.10 24.60 26.76
C VAL B 379 24.84 26.10 26.56
N GLU B 380 24.55 26.84 27.66
CA GLU B 380 24.26 28.26 27.60
C GLU B 380 24.86 28.98 28.76
N TRP B 381 24.82 30.33 28.73
CA TRP B 381 25.34 31.12 29.82
C TRP B 381 24.33 32.17 30.28
N GLU B 382 24.37 32.52 31.56
CA GLU B 382 23.50 33.54 32.10
C GLU B 382 24.12 34.20 33.31
N SER B 383 23.56 35.34 33.65
CA SER B 383 23.96 36.10 34.81
C SER B 383 22.71 36.77 35.34
N ASN B 384 22.47 36.69 36.65
CA ASN B 384 21.32 37.35 37.25
C ASN B 384 19.97 36.98 36.57
N GLY B 385 19.84 35.74 36.10
CA GLY B 385 18.60 35.26 35.49
C GLY B 385 18.23 35.86 34.14
N GLN B 386 19.24 36.27 33.38
CA GLN B 386 19.07 36.82 32.03
C GLN B 386 20.14 36.17 31.16
N PRO B 387 19.83 35.81 29.89
CA PRO B 387 20.87 35.18 29.06
C PRO B 387 22.07 36.06 28.70
N GLU B 388 23.28 35.46 28.74
CA GLU B 388 24.55 36.09 28.34
C GLU B 388 24.83 35.48 26.96
N ASN B 389 24.62 36.25 25.88
CA ASN B 389 24.71 35.75 24.51
C ASN B 389 26.09 35.86 23.81
N ASN B 390 27.10 36.46 24.47
CA ASN B 390 28.43 36.63 23.90
C ASN B 390 29.37 35.43 24.18
N TYR B 391 29.01 34.24 23.70
CA TYR B 391 29.80 33.03 23.91
C TYR B 391 29.89 32.20 22.67
N LYS B 392 30.79 31.22 22.67
CA LYS B 392 30.93 30.26 21.58
C LYS B 392 31.28 28.95 22.24
N THR B 393 30.76 27.88 21.72
CA THR B 393 30.95 26.53 22.25
C THR B 393 31.60 25.72 21.14
N THR B 394 32.47 24.81 21.51
CA THR B 394 33.18 24.01 20.52
C THR B 394 32.27 22.89 20.20
N PRO B 395 32.41 22.23 19.05
CA PRO B 395 31.61 21.01 18.83
C PRO B 395 32.07 19.91 19.80
N PRO B 396 31.26 18.88 20.11
CA PRO B 396 31.76 17.80 20.98
C PRO B 396 32.93 17.02 20.38
N VAL B 397 33.85 16.58 21.20
CA VAL B 397 35.03 15.85 20.72
C VAL B 397 35.08 14.50 21.39
N LEU B 398 35.28 13.44 20.59
CA LEU B 398 35.36 12.08 21.15
C LEU B 398 36.58 11.86 22.00
N ASP B 399 36.41 11.22 23.16
CA ASP B 399 37.53 10.86 24.06
C ASP B 399 37.84 9.38 23.90
N SER B 400 39.03 8.98 24.33
CA SER B 400 39.48 7.59 24.26
C SER B 400 38.58 6.60 25.01
N ASP B 401 37.83 7.05 26.03
CA ASP B 401 36.88 6.19 26.76
C ASP B 401 35.49 6.03 26.06
N GLY B 402 35.28 6.69 24.92
CA GLY B 402 34.02 6.64 24.19
C GLY B 402 33.04 7.77 24.48
N SER B 403 33.32 8.57 25.51
CA SER B 403 32.49 9.72 25.89
C SER B 403 32.94 11.02 25.19
N PHE B 404 32.13 12.08 25.26
CA PHE B 404 32.49 13.33 24.61
C PHE B 404 32.86 14.42 25.59
N PHE B 405 33.43 15.49 25.06
CA PHE B 405 33.71 16.65 25.86
C PHE B 405 33.63 17.86 25.00
N LEU B 406 33.53 19.01 25.65
CA LEU B 406 33.53 20.30 24.98
C LEU B 406 33.84 21.42 25.97
N TYR B 407 34.23 22.56 25.43
CA TYR B 407 34.46 23.77 26.21
C TYR B 407 33.55 24.87 25.66
N SER B 408 33.06 25.71 26.54
CA SER B 408 32.27 26.86 26.13
C SER B 408 33.01 28.06 26.70
N ARG B 409 33.16 29.11 25.90
CA ARG B 409 33.90 30.31 26.28
C ARG B 409 32.96 31.51 26.29
N LEU B 410 32.80 32.17 27.43
CA LEU B 410 31.98 33.39 27.47
C LEU B 410 32.92 34.60 27.57
N THR B 411 32.72 35.62 26.70
CA THR B 411 33.51 36.84 26.73
C THR B 411 32.77 37.88 27.55
N VAL B 412 33.39 38.36 28.64
CA VAL B 412 32.77 39.35 29.53
C VAL B 412 33.68 40.56 29.58
N ASP B 413 33.11 41.74 29.81
CA ASP B 413 33.93 42.94 30.01
C ASP B 413 34.63 42.73 31.37
N LYS B 414 35.97 42.95 31.46
CA LYS B 414 36.75 42.78 32.70
C LYS B 414 36.05 43.46 33.90
N SER B 415 35.48 44.66 33.66
CA SER B 415 34.68 45.44 34.64
C SER B 415 33.63 44.54 35.34
N ARG B 416 32.74 43.92 34.54
CA ARG B 416 31.67 43.02 35.00
C ARG B 416 32.21 41.94 35.98
N TRP B 417 33.34 41.32 35.65
CA TRP B 417 33.98 40.28 36.46
C TRP B 417 34.56 40.80 37.79
N GLN B 418 35.24 41.97 37.76
CA GLN B 418 35.86 42.60 38.93
C GLN B 418 34.84 43.06 39.98
N GLN B 419 33.60 43.34 39.55
CA GLN B 419 32.54 43.76 40.48
C GLN B 419 31.86 42.57 41.21
N GLY B 420 32.34 41.34 41.00
CA GLY B 420 31.83 40.16 41.69
C GLY B 420 30.46 39.72 41.24
N ASN B 421 30.16 39.90 39.94
CA ASN B 421 28.87 39.48 39.37
C ASN B 421 29.01 37.98 39.08
N VAL B 422 27.97 37.19 39.36
CA VAL B 422 28.00 35.75 39.18
C VAL B 422 27.56 35.38 37.78
N PHE B 423 28.31 34.49 37.12
CA PHE B 423 28.03 33.95 35.78
C PHE B 423 27.70 32.46 35.91
N SER B 424 26.86 31.94 35.04
CA SER B 424 26.49 30.53 35.14
C SER B 424 26.51 29.86 33.80
N CYS B 425 27.17 28.71 33.75
CA CYS B 425 27.22 27.82 32.61
C CYS B 425 26.13 26.75 32.87
N SER B 426 25.05 26.76 32.07
CA SER B 426 23.97 25.81 32.20
C SER B 426 24.11 24.72 31.13
N VAL B 427 23.85 23.45 31.51
CA VAL B 427 23.97 22.31 30.63
C VAL B 427 22.69 21.49 30.68
N MET B 428 22.24 21.03 29.49
CA MET B 428 21.06 20.18 29.33
C MET B 428 21.41 18.92 28.57
N HIS B 429 21.17 17.76 29.18
CA HIS B 429 21.52 16.47 28.60
C HIS B 429 20.57 15.42 29.17
N GLU B 430 20.16 14.44 28.37
CA GLU B 430 19.24 13.39 28.77
C GLU B 430 19.66 12.62 30.04
N ALA B 431 20.97 12.38 30.20
CA ALA B 431 21.48 11.58 31.31
C ALA B 431 21.48 12.32 32.68
N LEU B 432 21.27 13.67 32.67
CA LEU B 432 21.16 14.47 33.90
C LEU B 432 19.75 14.31 34.51
N HIS B 433 19.66 14.41 35.83
CA HIS B 433 18.36 14.41 36.52
C HIS B 433 17.68 15.77 36.21
N ASN B 434 16.44 15.74 35.70
CA ASN B 434 15.68 16.91 35.25
C ASN B 434 16.32 17.45 33.99
N HIS B 435 17.13 16.64 33.31
CA HIS B 435 17.85 17.03 32.10
C HIS B 435 18.62 18.35 32.23
N TYR B 436 18.98 18.74 33.43
CA TYR B 436 19.57 20.05 33.62
C TYR B 436 20.54 20.10 34.79
N THR B 437 21.67 20.83 34.60
CA THR B 437 22.62 21.17 35.65
C THR B 437 23.22 22.52 35.35
N GLN B 438 23.84 23.07 36.37
CA GLN B 438 24.49 24.38 36.26
C GLN B 438 25.72 24.48 37.14
N LYS B 439 26.68 25.34 36.74
CA LYS B 439 27.84 25.68 37.55
C LYS B 439 28.03 27.19 37.47
N SER B 440 28.15 27.83 38.64
CA SER B 440 28.37 29.27 38.73
C SER B 440 29.85 29.61 38.77
N LEU B 441 30.16 30.87 38.45
CA LEU B 441 31.54 31.34 38.39
C LEU B 441 31.60 32.79 38.86
N SER B 442 32.57 33.09 39.72
CA SER B 442 32.71 34.41 40.31
C SER B 442 34.13 34.68 40.75
N LEU B 443 34.43 35.98 40.94
CA LEU B 443 35.72 36.44 41.48
C LEU B 443 35.61 36.25 43.00
N SER B 444 36.56 35.53 43.62
CA SER B 444 36.56 35.28 45.07
C SER B 444 36.58 36.58 45.91
C1 NAG C . 21.24 24.19 -5.79
C2 NAG C . 22.28 23.09 -5.55
C3 NAG C . 21.87 22.34 -4.29
C4 NAG C . 21.81 23.30 -3.10
C5 NAG C . 20.84 24.44 -3.40
C6 NAG C . 20.78 25.52 -2.32
C7 NAG C . 23.28 22.24 -7.65
C8 NAG C . 23.12 21.27 -8.77
N2 NAG C . 22.33 22.20 -6.70
O3 NAG C . 22.78 21.27 -4.08
O4 NAG C . 21.44 22.62 -1.90
O5 NAG C . 21.16 25.07 -4.66
O6 NAG C . 21.94 26.37 -2.28
O7 NAG C . 24.22 23.03 -7.60
C1 NAG C . 22.49 22.13 -1.06
C2 NAG C . 21.98 22.07 0.39
C3 NAG C . 23.10 21.50 1.26
C4 NAG C . 23.51 20.11 0.76
C5 NAG C . 23.93 20.20 -0.70
C6 NAG C . 24.19 18.86 -1.34
C7 NAG C . 20.36 23.74 1.25
C8 NAG C . 20.17 25.17 1.67
N2 NAG C . 21.61 23.41 0.83
O3 NAG C . 22.65 21.42 2.61
O4 NAG C . 24.62 19.62 1.51
O5 NAG C . 22.90 20.82 -1.48
O6 NAG C . 24.47 19.01 -2.72
O7 NAG C . 19.45 22.91 1.32
C1 BMA C . 24.41 18.79 2.64
C2 BMA C . 25.59 17.80 2.77
C3 BMA C . 25.50 17.04 4.10
C4 BMA C . 25.35 17.98 5.29
C5 BMA C . 24.18 18.95 5.06
C6 BMA C . 24.10 20.03 6.11
O2 BMA C . 26.83 18.50 2.66
O3 BMA C . 26.62 16.17 4.28
O4 BMA C . 25.11 17.24 6.47
O5 BMA C . 24.32 19.62 3.80
O6 BMA C . 23.20 21.04 5.69
C1 MAN C . 26.42 14.75 4.11
C2 MAN C . 27.53 13.97 4.83
C3 MAN C . 28.87 14.24 4.15
C4 MAN C . 28.81 13.94 2.65
C5 MAN C . 27.62 14.67 2.01
C6 MAN C . 27.37 14.27 0.58
O2 MAN C . 27.28 12.56 4.71
O3 MAN C . 29.90 13.46 4.77
O4 MAN C . 30.02 14.33 2.02
O5 MAN C . 26.40 14.38 2.73
O6 MAN C . 26.27 14.98 0.04
C1 NAG C . 26.36 11.96 5.62
C2 NAG C . 25.52 10.96 4.81
C3 NAG C . 24.55 10.26 5.78
C4 NAG C . 25.31 9.59 6.92
C5 NAG C . 26.21 10.60 7.63
C6 NAG C . 27.13 9.97 8.65
C7 NAG C . 24.85 11.15 2.44
C8 NAG C . 23.93 11.84 1.48
N2 NAG C . 24.80 11.57 3.72
O3 NAG C . 23.75 9.31 5.07
O4 NAG C . 24.38 9.02 7.85
O5 NAG C . 27.04 11.28 6.67
O6 NAG C . 27.96 10.95 9.27
O7 NAG C . 25.61 10.25 2.08
C1 MAN C . 22.87 21.97 6.67
C2 MAN C . 21.50 22.56 6.35
C3 MAN C . 21.58 23.49 5.13
C4 MAN C . 22.66 24.56 5.34
C5 MAN C . 24.00 23.89 5.65
C6 MAN C . 25.09 24.88 6.01
O2 MAN C . 20.99 23.30 7.47
O3 MAN C . 20.32 24.08 4.88
O4 MAN C . 22.76 25.40 4.19
O5 MAN C . 23.85 23.02 6.79
O6 MAN C . 26.32 24.22 6.28
C1 NAG C . 20.29 22.54 8.46
C2 NAG C . 20.52 23.24 9.80
C3 NAG C . 19.70 22.56 10.89
C4 NAG C . 18.23 22.48 10.49
C5 NAG C . 18.10 21.78 9.14
C6 NAG C . 16.68 21.66 8.61
C7 NAG C . 22.71 24.33 10.10
C8 NAG C . 24.15 24.13 10.50
N2 NAG C . 21.94 23.23 10.14
O3 NAG C . 19.86 23.28 12.11
O4 NAG C . 17.48 21.78 11.49
O5 NAG C . 18.89 22.47 8.15
O6 NAG C . 16.20 22.84 7.97
O7 NAG C . 22.28 25.43 9.74
C1 GLC D . 5.28 -14.85 21.39
C2 GLC D . 4.91 -13.88 20.26
C3 GLC D . 5.98 -12.80 20.10
C4 GLC D . 6.28 -12.12 21.44
C5 GLC D . 6.66 -13.19 22.47
C6 GLC D . 6.89 -12.62 23.86
O2 GLC D . 4.72 -14.57 19.04
O3 GLC D . 5.54 -11.82 19.16
O4 GLC D . 7.36 -11.20 21.27
O5 GLC D . 5.61 -14.17 22.59
O6 GLC D . 7.47 -13.57 24.74
C1 FRU D . 6.68 -17.69 19.55
C2 FRU D . 6.12 -17.18 20.87
C3 FRU D . 6.77 -17.85 22.16
C4 FRU D . 5.54 -18.32 22.97
C5 FRU D . 4.51 -18.56 21.88
C6 FRU D . 3.07 -18.52 22.33
O1 FRU D . 8.07 -17.39 19.41
O2 FRU D . 6.34 -15.76 20.96
O3 FRU D . 7.69 -17.07 22.91
O4 FRU D . 5.80 -19.50 23.71
O5 FRU D . 4.74 -17.52 20.91
O6 FRU D . 2.67 -17.23 22.76
C1 GLC E . -9.22 -24.71 26.96
C2 GLC E . -8.25 -23.54 27.16
C3 GLC E . -7.11 -23.60 26.15
C4 GLC E . -6.44 -24.97 26.14
C5 GLC E . -7.49 -26.06 25.93
C6 GLC E . -6.94 -27.47 26.02
O2 GLC E . -8.94 -22.31 27.05
O3 GLC E . -6.14 -22.60 26.47
O4 GLC E . -5.47 -25.03 25.10
O5 GLC E . -8.53 -25.95 26.92
O6 GLC E . -6.52 -27.80 27.34
C1 FRU E . -12.15 -23.68 26.75
C2 FRU E . -11.48 -24.74 25.87
C3 FRU E . -12.02 -24.78 24.40
C4 FRU E . -12.07 -26.27 24.10
C5 FRU E . -12.45 -26.86 25.46
C6 FRU E . -12.08 -28.30 25.68
O1 FRU E . -13.54 -23.93 26.93
O2 FRU E . -10.06 -24.49 25.80
O3 FRU E . -11.32 -24.00 23.44
O4 FRU E . -13.06 -26.59 23.13
O5 FRU E . -11.77 -26.02 26.42
O6 FRU E . -10.68 -28.53 25.64
N1 CFF F . -34.19 4.49 11.53
C2 CFF F . -34.89 5.65 11.90
C10 CFF F . -34.56 3.88 10.25
C6 CFF F . -33.13 3.90 12.25
N3 CFF F . -34.54 6.23 13.14
O11 CFF F . -35.78 6.10 11.22
C12 CFF F . -35.22 7.47 13.55
C4 CFF F . -33.53 5.70 13.89
C5 CFF F . -32.82 4.60 13.45
N9 CFF F . -33.06 6.17 15.08
O13 CFF F . -32.63 2.85 11.87
N7 CFF F . -31.96 4.30 14.48
C8 CFF F . -32.14 5.29 15.41
C14 CFF F . -31.00 3.20 14.54
#